data_4FGL
#
_entry.id   4FGL
#
_cell.length_a   54.310
_cell.length_b   105.710
_cell.length_c   82.000
_cell.angle_alpha   90.00
_cell.angle_beta   90.17
_cell.angle_gamma   90.00
#
_symmetry.space_group_name_H-M   'P 1 21 1'
#
loop_
_entity.id
_entity.type
_entity.pdbx_description
1 polymer 'Ribosyldihydronicotinamide dehydrogenase [quinone]'
2 non-polymer 'ZINC ION'
3 non-polymer 'FLAVIN-ADENINE DINUCLEOTIDE'
4 non-polymer N4-(7-CHLORO-QUINOLIN-4-YL)-N1,N1-DIETHYL-PENTANE-1,4-DIAMINE
5 water water
#
_entity_poly.entity_id   1
_entity_poly.type   'polypeptide(L)'
_entity_poly.pdbx_seq_one_letter_code
;GAMAGKKVLIVYAHQEPKSFNGSLKNVAVDELSRQGCTVTVSDLYAMNFEPRATDKDITGTLSNPEVFNYGVETHEAYKQ
RSLASDITDEQKKVREADLVIFQFPLYWFSVPAILKGWMDRVLCQGFAFDIPGFYDSGLLQGKLALLSVTTGGTAEMYTK
TGVNGDSRYFLWPLQHGTLHFCGFKVLAPQISFAPEIASEEERKGMVAAWSQRLQTIWKEEPIPCTAHWHFGQ
;
_entity_poly.pdbx_strand_id   A,B,C,D
#
loop_
_chem_comp.id
_chem_comp.type
_chem_comp.name
_chem_comp.formula
CLQ non-polymer N4-(7-CHLORO-QUINOLIN-4-YL)-N1,N1-DIETHYL-PENTANE-1,4-DIAMINE 'C18 H26 Cl N3'
FAD non-polymer 'FLAVIN-ADENINE DINUCLEOTIDE' 'C27 H33 N9 O15 P2'
ZN non-polymer 'ZINC ION' 'Zn 2'
#
# COMPACT_ATOMS: atom_id res chain seq x y z
N ALA A 4 -24.04 4.98 -14.53
CA ALA A 4 -24.33 3.66 -15.16
C ALA A 4 -23.19 2.68 -14.90
N GLY A 5 -23.53 1.40 -14.82
CA GLY A 5 -22.54 0.35 -14.62
C GLY A 5 -21.94 0.37 -13.22
N LYS A 6 -22.74 0.75 -12.24
CA LYS A 6 -22.24 0.81 -10.87
C LYS A 6 -23.11 -0.01 -9.94
N LYS A 7 -23.32 -1.27 -10.30
CA LYS A 7 -23.81 -2.26 -9.36
C LYS A 7 -22.63 -2.89 -8.62
N VAL A 8 -22.74 -2.94 -7.31
CA VAL A 8 -21.71 -3.51 -6.46
C VAL A 8 -22.31 -4.56 -5.56
N LEU A 9 -21.64 -5.71 -5.51
CA LEU A 9 -21.92 -6.76 -4.54
C LEU A 9 -20.80 -6.84 -3.53
N ILE A 10 -21.13 -6.77 -2.26
CA ILE A 10 -20.17 -7.01 -1.19
C ILE A 10 -20.47 -8.37 -0.59
N VAL A 11 -19.54 -9.31 -0.76
CA VAL A 11 -19.64 -10.63 -0.13
C VAL A 11 -18.86 -10.53 1.18
N TYR A 12 -19.60 -10.58 2.27
CA TYR A 12 -19.11 -10.21 3.59
C TYR A 12 -19.11 -11.43 4.51
N ALA A 13 -17.98 -11.69 5.17
CA ALA A 13 -17.81 -12.89 5.99
C ALA A 13 -17.29 -12.56 7.39
N HIS A 14 -18.15 -12.00 8.24
CA HIS A 14 -17.82 -11.83 9.65
C HIS A 14 -19.07 -12.07 10.45
N GLN A 15 -18.88 -12.71 11.60
CA GLN A 15 -19.96 -13.09 12.48
C GLN A 15 -20.56 -11.95 13.28
N GLU A 16 -19.86 -10.83 13.43
CA GLU A 16 -20.18 -9.80 14.42
C GLU A 16 -20.37 -8.43 13.75
N PRO A 17 -21.60 -7.89 13.81
CA PRO A 17 -21.85 -6.59 13.18
C PRO A 17 -20.96 -5.46 13.70
N LYS A 18 -20.57 -5.54 14.96
CA LYS A 18 -19.76 -4.50 15.60
C LYS A 18 -18.25 -4.72 15.40
N SER A 19 -17.88 -5.71 14.61
CA SER A 19 -16.48 -5.99 14.38
C SER A 19 -15.81 -4.94 13.51
N PHE A 20 -14.50 -4.98 13.47
CA PHE A 20 -13.73 -4.16 12.56
C PHE A 20 -14.14 -4.46 11.10
N ASN A 21 -14.27 -5.75 10.75
CA ASN A 21 -14.79 -6.09 9.43
C ASN A 21 -16.16 -5.49 9.18
N GLY A 22 -17.05 -5.58 10.17
CA GLY A 22 -18.38 -5.01 10.04
C GLY A 22 -18.33 -3.52 9.74
N SER A 23 -17.42 -2.81 10.39
CA SER A 23 -17.26 -1.38 10.14
C SER A 23 -16.74 -1.11 8.73
N LEU A 24 -15.81 -1.92 8.25
CA LEU A 24 -15.34 -1.79 6.87
C LEU A 24 -16.46 -2.03 5.88
N LYS A 25 -17.28 -3.03 6.14
CA LYS A 25 -18.45 -3.28 5.29
C LYS A 25 -19.41 -2.09 5.34
N ASN A 26 -19.68 -1.58 6.53
CA ASN A 26 -20.66 -0.51 6.65
C ASN A 26 -20.21 0.78 5.99
N VAL A 27 -18.94 1.14 6.11
CA VAL A 27 -18.49 2.36 5.44
C VAL A 27 -18.48 2.17 3.93
N ALA A 28 -18.31 0.95 3.46
CA ALA A 28 -18.41 0.70 2.03
C ALA A 28 -19.84 0.89 1.55
N VAL A 29 -20.81 0.31 2.25
CA VAL A 29 -22.21 0.54 1.95
C VAL A 29 -22.51 2.06 1.96
N ASP A 30 -22.08 2.75 3.01
CA ASP A 30 -22.37 4.18 3.13
C ASP A 30 -21.84 4.94 1.94
N GLU A 31 -20.59 4.73 1.58
CA GLU A 31 -19.95 5.52 0.53
C GLU A 31 -20.48 5.16 -0.83
N LEU A 32 -20.59 3.87 -1.13
CA LEU A 32 -21.09 3.50 -2.44
C LEU A 32 -22.57 3.88 -2.60
N SER A 33 -23.34 3.80 -1.53
CA SER A 33 -24.73 4.24 -1.57
C SER A 33 -24.79 5.75 -1.83
N ARG A 34 -23.93 6.52 -1.14
CA ARG A 34 -23.89 7.97 -1.31
C ARG A 34 -23.62 8.32 -2.77
N GLN A 35 -22.75 7.60 -3.44
CA GLN A 35 -22.45 7.85 -4.84
C GLN A 35 -23.64 7.62 -5.75
N GLY A 36 -24.61 6.82 -5.30
CA GLY A 36 -25.72 6.45 -6.14
C GLY A 36 -25.55 5.07 -6.77
N CYS A 37 -24.57 4.29 -6.29
CA CYS A 37 -24.44 2.91 -6.75
C CYS A 37 -25.59 2.06 -6.29
N THR A 38 -25.78 0.95 -6.98
CA THR A 38 -26.74 -0.07 -6.59
C THR A 38 -25.97 -1.06 -5.75
N VAL A 39 -26.30 -1.20 -4.47
CA VAL A 39 -25.46 -1.92 -3.54
C VAL A 39 -26.21 -3.08 -2.94
N THR A 40 -25.57 -4.25 -2.95
CA THR A 40 -26.08 -5.47 -2.34
C THR A 40 -24.99 -6.07 -1.45
N VAL A 41 -25.38 -6.57 -0.27
CA VAL A 41 -24.45 -7.23 0.63
C VAL A 41 -24.95 -8.65 0.84
N SER A 42 -24.09 -9.65 0.60
CA SER A 42 -24.36 -11.03 0.99
C SER A 42 -23.64 -11.27 2.31
N ASP A 43 -24.40 -11.22 3.39
CA ASP A 43 -23.88 -11.38 4.74
C ASP A 43 -23.93 -12.86 5.07
N LEU A 44 -22.84 -13.55 4.74
CA LEU A 44 -22.87 -15.00 4.69
C LEU A 44 -23.21 -15.64 6.02
N TYR A 45 -22.64 -15.15 7.13
CA TYR A 45 -22.99 -15.75 8.41
C TYR A 45 -24.44 -15.48 8.78
N ALA A 46 -24.95 -14.29 8.52
CA ALA A 46 -26.35 -13.99 8.83
C ALA A 46 -27.29 -14.85 7.99
N MET A 47 -26.86 -15.20 6.78
CA MET A 47 -27.61 -16.07 5.88
C MET A 47 -27.46 -17.56 6.22
N ASN A 48 -26.64 -17.87 7.22
CA ASN A 48 -26.30 -19.27 7.50
CA ASN A 48 -26.29 -19.26 7.50
C ASN A 48 -25.86 -19.99 6.23
N PHE A 49 -25.05 -19.32 5.41
CA PHE A 49 -24.74 -19.81 4.10
C PHE A 49 -24.07 -21.16 4.14
N GLU A 50 -24.56 -22.08 3.32
CA GLU A 50 -24.04 -23.44 3.23
C GLU A 50 -22.68 -23.47 2.55
N PRO A 51 -21.65 -23.97 3.26
CA PRO A 51 -20.35 -23.98 2.59
C PRO A 51 -20.02 -25.29 1.85
N ARG A 52 -20.73 -26.36 2.16
CA ARG A 52 -20.32 -27.68 1.66
C ARG A 52 -20.83 -27.90 0.24
N ALA A 53 -19.97 -28.43 -0.62
CA ALA A 53 -20.33 -28.82 -1.99
C ALA A 53 -20.93 -30.22 -1.95
N THR A 54 -22.26 -30.31 -2.01
CA THR A 54 -22.91 -31.62 -1.92
C THR A 54 -24.00 -31.76 -2.98
N ASP A 55 -24.55 -32.97 -3.06
CA ASP A 55 -25.59 -33.28 -4.02
C ASP A 55 -26.87 -32.50 -3.75
N LYS A 56 -27.02 -31.90 -2.59
CA LYS A 56 -28.19 -31.09 -2.33
C LYS A 56 -28.15 -29.78 -3.11
N ASP A 57 -27.00 -29.48 -3.71
CA ASP A 57 -26.87 -28.27 -4.52
C ASP A 57 -27.60 -28.37 -5.86
N ILE A 58 -27.99 -29.58 -6.22
CA ILE A 58 -28.76 -29.82 -7.45
C ILE A 58 -30.17 -30.15 -7.06
N THR A 59 -31.13 -29.41 -7.62
CA THR A 59 -32.53 -29.66 -7.34
C THR A 59 -33.13 -30.55 -8.42
N GLY A 60 -32.51 -30.59 -9.59
CA GLY A 60 -32.96 -31.44 -10.68
C GLY A 60 -32.57 -32.90 -10.46
N THR A 61 -33.09 -33.78 -11.32
CA THR A 61 -32.72 -35.18 -11.25
C THR A 61 -31.23 -35.28 -11.55
N LEU A 62 -30.50 -35.97 -10.69
CA LEU A 62 -29.07 -36.17 -10.93
C LEU A 62 -28.90 -37.02 -12.18
N SER A 63 -27.93 -36.70 -13.02
CA SER A 63 -27.68 -37.49 -14.21
C SER A 63 -27.04 -38.83 -13.84
N ASN A 64 -26.26 -38.83 -12.76
CA ASN A 64 -25.67 -40.09 -12.27
C ASN A 64 -25.74 -40.16 -10.76
N PRO A 65 -26.87 -40.66 -10.23
CA PRO A 65 -27.02 -40.80 -8.77
C PRO A 65 -26.17 -41.92 -8.16
N GLU A 66 -25.57 -42.78 -8.97
CA GLU A 66 -24.78 -43.90 -8.47
C GLU A 66 -23.37 -43.46 -8.10
N VAL A 67 -22.80 -42.58 -8.90
CA VAL A 67 -21.45 -42.09 -8.69
C VAL A 67 -21.52 -40.58 -8.84
N PHE A 68 -21.41 -39.87 -7.73
CA PHE A 68 -21.67 -38.43 -7.70
C PHE A 68 -20.44 -37.63 -8.09
N ASN A 69 -20.59 -36.81 -9.12
CA ASN A 69 -19.53 -35.95 -9.59
C ASN A 69 -20.04 -34.50 -9.48
N TYR A 70 -19.55 -33.80 -8.46
CA TYR A 70 -20.06 -32.46 -8.16
C TYR A 70 -19.91 -31.52 -9.37
N GLY A 71 -18.74 -31.50 -9.99
CA GLY A 71 -18.51 -30.63 -11.13
C GLY A 71 -19.48 -30.86 -12.28
N VAL A 72 -19.61 -32.11 -12.69
CA VAL A 72 -20.46 -32.45 -13.80
C VAL A 72 -21.91 -32.14 -13.46
N GLU A 73 -22.38 -32.55 -12.29
CA GLU A 73 -23.78 -32.37 -11.97
C GLU A 73 -24.17 -30.90 -11.85
N THR A 74 -23.28 -30.08 -11.28
CA THR A 74 -23.58 -28.65 -11.13
C THR A 74 -23.50 -27.93 -12.46
N HIS A 75 -22.54 -28.28 -13.29
CA HIS A 75 -22.46 -27.68 -14.62
C HIS A 75 -23.77 -27.93 -15.38
N GLU A 76 -24.23 -29.17 -15.38
CA GLU A 76 -25.44 -29.52 -16.09
C GLU A 76 -26.66 -28.87 -15.49
N ALA A 77 -26.74 -28.86 -14.17
CA ALA A 77 -27.87 -28.25 -13.48
C ALA A 77 -27.91 -26.75 -13.72
N TYR A 78 -26.75 -26.10 -13.77
CA TYR A 78 -26.72 -24.68 -14.04
C TYR A 78 -27.46 -24.35 -15.34
N LYS A 79 -27.18 -25.13 -16.38
CA LYS A 79 -27.77 -24.85 -17.69
C LYS A 79 -29.28 -25.04 -17.73
N GLN A 80 -29.82 -25.87 -16.84
CA GLN A 80 -31.26 -26.11 -16.78
C GLN A 80 -31.94 -25.39 -15.62
N ARG A 81 -31.25 -24.41 -15.04
CA ARG A 81 -31.80 -23.64 -13.92
C ARG A 81 -32.28 -24.55 -12.79
N SER A 82 -31.43 -25.53 -12.48
CA SER A 82 -31.77 -26.56 -11.51
C SER A 82 -30.75 -26.63 -10.36
N LEU A 83 -30.15 -25.50 -10.02
CA LEU A 83 -29.32 -25.41 -8.80
C LEU A 83 -30.14 -24.93 -7.64
N ALA A 84 -29.68 -25.24 -6.44
CA ALA A 84 -30.36 -24.81 -5.23
C ALA A 84 -30.55 -23.31 -5.25
N SER A 85 -31.59 -22.85 -4.56
CA SER A 85 -31.93 -21.45 -4.61
C SER A 85 -30.87 -20.53 -4.01
N ASP A 86 -30.14 -21.00 -3.01
CA ASP A 86 -29.11 -20.14 -2.42
C ASP A 86 -28.04 -19.81 -3.44
N ILE A 87 -27.60 -20.81 -4.20
CA ILE A 87 -26.62 -20.62 -5.25
C ILE A 87 -27.18 -19.73 -6.35
N THR A 88 -28.41 -20.05 -6.76
CA THR A 88 -29.06 -19.34 -7.85
C THR A 88 -29.15 -17.84 -7.52
N ASP A 89 -29.53 -17.54 -6.30
CA ASP A 89 -29.68 -16.16 -5.88
C ASP A 89 -28.34 -15.43 -5.86
N GLU A 90 -27.27 -16.09 -5.40
CA GLU A 90 -25.96 -15.47 -5.46
C GLU A 90 -25.53 -15.25 -6.90
N GLN A 91 -25.80 -16.20 -7.79
CA GLN A 91 -25.42 -16.05 -9.18
C GLN A 91 -26.08 -14.85 -9.81
N LYS A 92 -27.34 -14.59 -9.46
CA LYS A 92 -27.99 -13.40 -10.01
C LYS A 92 -27.28 -12.13 -9.56
N LYS A 93 -26.87 -12.08 -8.28
CA LYS A 93 -26.16 -10.91 -7.75
C LYS A 93 -24.84 -10.70 -8.47
N VAL A 94 -24.10 -11.79 -8.70
CA VAL A 94 -22.80 -11.70 -9.38
C VAL A 94 -22.98 -11.33 -10.84
N ARG A 95 -23.96 -11.95 -11.49
CA ARG A 95 -24.21 -11.72 -12.91
C ARG A 95 -24.43 -10.23 -13.18
N GLU A 96 -25.14 -9.58 -12.28
CA GLU A 96 -25.48 -8.18 -12.50
C GLU A 96 -24.43 -7.22 -11.97
N ALA A 97 -23.59 -7.66 -11.04
CA ALA A 97 -22.58 -6.78 -10.46
C ALA A 97 -21.54 -6.29 -11.45
N ASP A 98 -21.13 -5.04 -11.31
CA ASP A 98 -20.00 -4.49 -12.04
C ASP A 98 -18.71 -4.57 -11.23
N LEU A 99 -18.87 -4.61 -9.91
CA LEU A 99 -17.77 -4.72 -8.95
C LEU A 99 -18.20 -5.66 -7.85
N VAL A 100 -17.33 -6.62 -7.51
CA VAL A 100 -17.53 -7.53 -6.37
C VAL A 100 -16.42 -7.29 -5.38
N ILE A 101 -16.80 -6.85 -4.20
CA ILE A 101 -15.87 -6.67 -3.10
C ILE A 101 -16.03 -7.84 -2.13
N PHE A 102 -14.92 -8.45 -1.72
CA PHE A 102 -14.94 -9.48 -0.67
C PHE A 102 -14.41 -8.86 0.59
N GLN A 103 -15.18 -8.86 1.66
CA GLN A 103 -14.76 -8.30 2.93
C GLN A 103 -14.62 -9.42 3.95
N PHE A 104 -13.41 -9.67 4.45
CA PHE A 104 -13.20 -10.81 5.34
C PHE A 104 -11.94 -10.69 6.17
N PRO A 105 -11.94 -11.33 7.34
CA PRO A 105 -10.70 -11.59 8.07
C PRO A 105 -9.97 -12.77 7.44
N LEU A 106 -8.65 -12.65 7.40
CA LEU A 106 -7.80 -13.72 6.92
C LEU A 106 -7.83 -14.88 7.91
N TYR A 107 -8.23 -16.04 7.43
CA TYR A 107 -8.17 -17.28 8.20
C TYR A 107 -7.23 -18.23 7.45
N TRP A 108 -6.11 -18.59 8.07
CA TRP A 108 -5.16 -19.55 7.49
C TRP A 108 -4.72 -19.12 6.08
N PHE A 109 -4.28 -17.87 6.01
CA PHE A 109 -3.75 -17.30 4.77
C PHE A 109 -4.76 -17.35 3.62
N SER A 110 -6.05 -17.37 3.97
CA SER A 110 -7.09 -17.51 2.98
C SER A 110 -8.40 -16.94 3.53
N VAL A 111 -9.48 -17.23 2.82
CA VAL A 111 -10.81 -16.81 3.23
C VAL A 111 -11.39 -17.75 4.29
N PRO A 112 -12.22 -17.22 5.20
CA PRO A 112 -12.97 -18.13 6.08
C PRO A 112 -13.73 -19.17 5.28
N ALA A 113 -13.91 -20.35 5.87
CA ALA A 113 -14.56 -21.43 5.15
C ALA A 113 -15.92 -21.06 4.59
N ILE A 114 -16.71 -20.25 5.28
CA ILE A 114 -18.03 -19.94 4.75
C ILE A 114 -17.93 -19.21 3.41
N LEU A 115 -16.91 -18.35 3.29
CA LEU A 115 -16.65 -17.63 2.04
C LEU A 115 -15.99 -18.55 1.00
N LYS A 116 -15.13 -19.45 1.44
CA LYS A 116 -14.59 -20.45 0.51
C LYS A 116 -15.74 -21.23 -0.11
N GLY A 117 -16.75 -21.56 0.71
CA GLY A 117 -17.89 -22.30 0.22
C GLY A 117 -18.74 -21.51 -0.78
N TRP A 118 -18.86 -20.20 -0.58
CA TRP A 118 -19.49 -19.34 -1.57
C TRP A 118 -18.70 -19.46 -2.89
N MET A 119 -17.38 -19.35 -2.85
CA MET A 119 -16.60 -19.47 -4.07
CA MET A 119 -16.58 -19.49 -4.06
C MET A 119 -16.83 -20.84 -4.74
N ASP A 120 -16.74 -21.90 -3.95
CA ASP A 120 -16.82 -23.25 -4.48
C ASP A 120 -18.18 -23.50 -5.14
N ARG A 121 -19.25 -23.01 -4.51
CA ARG A 121 -20.60 -23.36 -4.90
C ARG A 121 -21.22 -22.40 -5.89
N VAL A 122 -20.87 -21.12 -5.81
CA VAL A 122 -21.46 -20.13 -6.69
C VAL A 122 -20.77 -20.10 -8.05
N LEU A 123 -19.45 -20.25 -8.07
CA LEU A 123 -18.69 -20.02 -9.30
C LEU A 123 -18.57 -21.32 -10.10
N CYS A 124 -19.72 -21.85 -10.52
CA CYS A 124 -19.71 -23.13 -11.20
C CYS A 124 -19.41 -23.00 -12.69
N GLN A 125 -19.06 -24.12 -13.29
CA GLN A 125 -18.84 -24.14 -14.73
C GLN A 125 -20.13 -23.84 -15.48
N GLY A 126 -20.00 -23.06 -16.55
CA GLY A 126 -21.15 -22.56 -17.27
C GLY A 126 -21.59 -21.19 -16.82
N PHE A 127 -21.34 -20.86 -15.55
CA PHE A 127 -21.68 -19.56 -15.01
C PHE A 127 -20.45 -18.66 -14.96
N ALA A 128 -19.42 -19.11 -14.25
CA ALA A 128 -18.25 -18.25 -13.99
C ALA A 128 -17.10 -18.49 -14.96
N PHE A 129 -17.05 -19.69 -15.53
CA PHE A 129 -16.01 -20.06 -16.48
C PHE A 129 -16.53 -21.21 -17.30
N ASP A 130 -15.88 -21.45 -18.43
CA ASP A 130 -16.11 -22.65 -19.18
C ASP A 130 -14.78 -23.05 -19.80
N ILE A 131 -14.78 -24.17 -20.50
CA ILE A 131 -13.54 -24.63 -21.09
C ILE A 131 -13.84 -24.84 -22.56
N PRO A 132 -13.42 -23.89 -23.41
CA PRO A 132 -12.69 -22.66 -23.14
C PRO A 132 -13.57 -21.60 -22.49
N GLY A 133 -12.93 -20.56 -21.95
CA GLY A 133 -13.64 -19.53 -21.23
C GLY A 133 -13.10 -19.34 -19.82
N PHE A 134 -11.79 -19.15 -19.69
CA PHE A 134 -11.22 -18.89 -18.38
C PHE A 134 -10.01 -17.94 -18.52
N TYR A 135 -9.47 -17.53 -17.38
CA TYR A 135 -8.53 -16.42 -17.30
C TYR A 135 -9.11 -15.22 -18.05
N ASP A 136 -8.39 -14.60 -18.96
CA ASP A 136 -8.92 -13.36 -19.57
C ASP A 136 -10.22 -13.61 -20.34
N SER A 137 -10.44 -14.86 -20.75
CA SER A 137 -11.67 -15.24 -21.43
C SER A 137 -12.76 -15.77 -20.50
N GLY A 138 -12.59 -15.61 -19.19
CA GLY A 138 -13.58 -16.08 -18.25
C GLY A 138 -14.94 -15.44 -18.46
N LEU A 139 -15.98 -16.09 -17.97
CA LEU A 139 -17.32 -15.65 -18.29
C LEU A 139 -17.74 -14.42 -17.49
N LEU A 140 -17.00 -14.09 -16.44
CA LEU A 140 -17.25 -12.85 -15.68
C LEU A 140 -16.34 -11.71 -16.15
N GLN A 141 -15.82 -11.86 -17.36
CA GLN A 141 -14.97 -10.86 -18.00
C GLN A 141 -15.58 -9.45 -17.96
N GLY A 142 -14.74 -8.46 -17.72
CA GLY A 142 -15.20 -7.08 -17.64
C GLY A 142 -15.54 -6.62 -16.24
N LYS A 143 -15.98 -7.54 -15.37
CA LYS A 143 -16.29 -7.22 -13.98
C LYS A 143 -15.01 -6.94 -13.22
N LEU A 144 -15.12 -6.10 -12.21
CA LEU A 144 -14.03 -5.81 -11.29
C LEU A 144 -14.20 -6.59 -10.01
N ALA A 145 -13.09 -6.97 -9.39
CA ALA A 145 -13.11 -7.60 -8.07
C ALA A 145 -12.05 -6.98 -7.20
N LEU A 146 -12.29 -7.00 -5.89
CA LEU A 146 -11.40 -6.39 -4.93
C LEU A 146 -11.49 -7.16 -3.62
N LEU A 147 -10.33 -7.56 -3.09
CA LEU A 147 -10.24 -8.21 -1.78
C LEU A 147 -9.95 -7.19 -0.71
N SER A 148 -10.84 -7.07 0.27
CA SER A 148 -10.63 -6.25 1.44
C SER A 148 -10.46 -7.20 2.63
N VAL A 149 -9.20 -7.32 3.06
CA VAL A 149 -8.75 -8.37 3.97
C VAL A 149 -8.27 -7.71 5.26
N THR A 150 -8.58 -8.32 6.40
CA THR A 150 -8.01 -7.88 7.67
C THR A 150 -7.16 -9.02 8.21
N THR A 151 -6.11 -8.69 8.95
CA THR A 151 -5.22 -9.74 9.44
C THR A 151 -4.99 -9.70 10.94
N GLY A 152 -4.54 -10.82 11.50
CA GLY A 152 -3.92 -10.81 12.82
C GLY A 152 -2.48 -10.38 12.78
N GLY A 153 -1.75 -10.83 11.78
CA GLY A 153 -0.34 -10.52 11.66
C GLY A 153 -0.11 -9.07 11.30
N THR A 154 1.03 -8.56 11.76
CA THR A 154 1.41 -7.18 11.53
C THR A 154 1.93 -6.98 10.10
N ALA A 155 2.02 -5.72 9.70
CA ALA A 155 2.56 -5.41 8.38
C ALA A 155 3.99 -5.96 8.26
N GLU A 156 4.78 -5.85 9.32
CA GLU A 156 6.17 -6.35 9.26
C GLU A 156 6.21 -7.85 9.03
N MET A 157 5.29 -8.58 9.63
CA MET A 157 5.27 -10.04 9.47
C MET A 157 5.03 -10.42 8.02
N TYR A 158 4.25 -9.61 7.31
CA TYR A 158 3.89 -9.87 5.93
C TYR A 158 4.80 -9.12 4.97
N THR A 159 6.09 -9.25 5.20
CA THR A 159 7.10 -8.75 4.29
C THR A 159 8.01 -9.91 3.93
N LYS A 160 8.87 -9.70 2.96
CA LYS A 160 9.83 -10.73 2.60
C LYS A 160 10.80 -11.04 3.76
N THR A 161 11.06 -10.07 4.62
CA THR A 161 11.96 -10.26 5.75
C THR A 161 11.21 -10.79 6.98
N GLY A 162 9.88 -10.78 6.92
CA GLY A 162 9.05 -11.24 8.02
C GLY A 162 8.67 -12.71 7.92
N VAL A 163 8.14 -13.24 9.00
CA VAL A 163 7.93 -14.69 9.09
C VAL A 163 6.86 -15.20 8.14
N ASN A 164 5.92 -14.34 7.73
CA ASN A 164 4.82 -14.78 6.88
C ASN A 164 5.10 -14.63 5.40
N GLY A 165 6.19 -13.95 5.03
CA GLY A 165 6.45 -13.61 3.65
C GLY A 165 5.58 -12.45 3.18
N ASP A 166 5.82 -11.96 1.97
CA ASP A 166 5.01 -10.88 1.39
C ASP A 166 3.51 -11.23 1.40
N SER A 167 2.64 -10.28 1.76
CA SER A 167 1.19 -10.54 1.69
C SER A 167 0.77 -10.93 0.27
N ARG A 168 1.49 -10.44 -0.73
CA ARG A 168 1.08 -10.80 -2.08
C ARG A 168 1.14 -12.30 -2.29
N TYR A 169 2.04 -12.97 -1.57
CA TYR A 169 2.20 -14.41 -1.77
C TYR A 169 0.90 -15.17 -1.48
N PHE A 170 0.18 -14.80 -0.44
CA PHE A 170 -1.04 -15.52 -0.11
C PHE A 170 -2.21 -15.11 -0.97
N LEU A 171 -2.10 -13.99 -1.71
CA LEU A 171 -3.20 -13.57 -2.56
C LEU A 171 -3.35 -14.44 -3.81
N TRP A 172 -2.32 -15.16 -4.19
CA TRP A 172 -2.30 -15.86 -5.47
C TRP A 172 -3.50 -16.80 -5.73
N PRO A 173 -3.86 -17.67 -4.77
CA PRO A 173 -5.00 -18.55 -5.06
C PRO A 173 -6.32 -17.81 -5.23
N LEU A 174 -6.45 -16.68 -4.53
CA LEU A 174 -7.66 -15.87 -4.58
C LEU A 174 -7.69 -14.99 -5.82
N GLN A 175 -6.66 -14.18 -6.00
CA GLN A 175 -6.64 -13.22 -7.11
C GLN A 175 -6.46 -13.93 -8.46
N HIS A 176 -5.50 -14.83 -8.55
CA HIS A 176 -5.23 -15.48 -9.82
C HIS A 176 -6.07 -16.74 -10.02
N GLY A 177 -5.97 -17.65 -9.07
CA GLY A 177 -6.60 -18.95 -9.24
C GLY A 177 -8.12 -18.90 -9.25
N THR A 178 -8.71 -17.87 -8.65
CA THR A 178 -10.16 -17.74 -8.56
C THR A 178 -10.66 -16.56 -9.39
N LEU A 179 -10.29 -15.35 -9.01
CA LEU A 179 -10.88 -14.18 -9.63
C LEU A 179 -10.45 -14.02 -11.10
N HIS A 180 -9.16 -13.97 -11.35
CA HIS A 180 -8.69 -13.88 -12.73
C HIS A 180 -9.18 -15.08 -13.55
N PHE A 181 -9.15 -16.27 -12.96
CA PHE A 181 -9.60 -17.47 -13.68
C PHE A 181 -11.01 -17.28 -14.22
N CYS A 182 -11.87 -16.63 -13.46
CA CYS A 182 -13.25 -16.39 -13.89
C CYS A 182 -13.42 -15.16 -14.78
N GLY A 183 -12.33 -14.47 -15.09
CA GLY A 183 -12.37 -13.32 -15.98
C GLY A 183 -12.42 -11.98 -15.29
N PHE A 184 -12.44 -11.92 -13.97
CA PHE A 184 -12.44 -10.62 -13.31
C PHE A 184 -11.14 -9.87 -13.61
N LYS A 185 -11.23 -8.56 -13.68
CA LYS A 185 -10.10 -7.67 -13.48
C LYS A 185 -9.99 -7.37 -11.98
N VAL A 186 -8.78 -7.41 -11.45
CA VAL A 186 -8.53 -7.39 -10.02
C VAL A 186 -7.94 -6.04 -9.65
N LEU A 187 -8.65 -5.31 -8.79
CA LEU A 187 -8.14 -4.05 -8.27
C LEU A 187 -7.17 -4.35 -7.14
N ALA A 188 -6.27 -3.42 -6.82
CA ALA A 188 -5.28 -3.64 -5.78
C ALA A 188 -5.98 -4.03 -4.48
N PRO A 189 -5.41 -4.99 -3.74
CA PRO A 189 -6.06 -5.40 -2.49
C PRO A 189 -6.07 -4.30 -1.43
N GLN A 190 -7.09 -4.29 -0.59
CA GLN A 190 -7.10 -3.45 0.60
C GLN A 190 -6.78 -4.33 1.78
N ILE A 191 -5.59 -4.22 2.36
CA ILE A 191 -5.24 -5.05 3.49
C ILE A 191 -5.13 -4.16 4.72
N SER A 192 -5.99 -4.38 5.69
CA SER A 192 -5.98 -3.65 6.92
C SER A 192 -5.30 -4.54 7.94
N PHE A 193 -4.04 -4.25 8.24
CA PHE A 193 -3.22 -5.13 9.09
C PHE A 193 -3.50 -4.95 10.57
N ALA A 194 -3.69 -6.08 11.23
CA ALA A 194 -3.61 -6.16 12.69
C ALA A 194 -4.46 -5.15 13.45
N PRO A 195 -5.77 -5.07 13.15
CA PRO A 195 -6.61 -4.14 13.91
C PRO A 195 -6.66 -4.45 15.40
N GLU A 196 -6.51 -5.72 15.80
CA GLU A 196 -6.58 -6.05 17.21
C GLU A 196 -5.37 -5.52 18.00
N ILE A 197 -4.28 -5.27 17.31
CA ILE A 197 -3.02 -4.72 17.88
C ILE A 197 -3.03 -3.20 17.82
N ALA A 198 -3.75 -2.64 16.85
CA ALA A 198 -3.87 -1.20 16.67
C ALA A 198 -4.69 -0.59 17.78
N SER A 199 -4.43 0.67 18.10
CA SER A 199 -5.29 1.42 18.98
C SER A 199 -6.63 1.71 18.29
N GLU A 200 -7.62 2.12 19.07
CA GLU A 200 -8.89 2.53 18.52
C GLU A 200 -8.72 3.61 17.46
N GLU A 201 -7.91 4.63 17.73
CA GLU A 201 -7.71 5.68 16.76
C GLU A 201 -7.04 5.15 15.48
N GLU A 202 -6.07 4.27 15.62
CA GLU A 202 -5.43 3.67 14.47
C GLU A 202 -6.44 2.87 13.65
N ARG A 203 -7.31 2.13 14.34
CA ARG A 203 -8.38 1.40 13.64
C ARG A 203 -9.30 2.38 12.87
N LYS A 204 -9.68 3.47 13.52
CA LYS A 204 -10.50 4.48 12.86
C LYS A 204 -9.84 4.99 11.58
N GLY A 205 -8.53 5.17 11.63
CA GLY A 205 -7.77 5.59 10.46
C GLY A 205 -7.84 4.59 9.32
N MET A 206 -7.76 3.30 9.64
CA MET A 206 -7.85 2.26 8.62
C MET A 206 -9.25 2.23 8.00
N VAL A 207 -10.28 2.43 8.82
CA VAL A 207 -11.64 2.46 8.30
C VAL A 207 -11.82 3.67 7.37
N ALA A 208 -11.34 4.83 7.79
CA ALA A 208 -11.43 6.04 6.98
C ALA A 208 -10.70 5.89 5.66
N ALA A 209 -9.52 5.27 5.68
CA ALA A 209 -8.77 5.09 4.46
C ALA A 209 -9.56 4.31 3.43
N TRP A 210 -10.28 3.29 3.87
CA TRP A 210 -11.08 2.46 2.98
C TRP A 210 -12.28 3.23 2.43
N SER A 211 -12.99 3.92 3.30
CA SER A 211 -14.09 4.76 2.87
C SER A 211 -13.62 5.74 1.80
N GLN A 212 -12.46 6.36 2.03
CA GLN A 212 -11.95 7.37 1.12
C GLN A 212 -11.48 6.76 -0.19
N ARG A 213 -10.85 5.60 -0.14
CA ARG A 213 -10.42 4.92 -1.35
C ARG A 213 -11.63 4.66 -2.24
N LEU A 214 -12.74 4.29 -1.63
CA LEU A 214 -13.91 3.94 -2.41
C LEU A 214 -14.52 5.13 -3.14
N GLN A 215 -14.24 6.35 -2.70
CA GLN A 215 -14.70 7.56 -3.41
C GLN A 215 -14.30 7.55 -4.87
N THR A 216 -13.13 6.97 -5.18
CA THR A 216 -12.59 6.98 -6.53
C THR A 216 -12.36 5.58 -7.11
N ILE A 217 -13.04 4.58 -6.56
CA ILE A 217 -12.68 3.20 -6.88
C ILE A 217 -12.96 2.88 -8.35
N TRP A 218 -13.98 3.50 -8.92
CA TRP A 218 -14.47 3.09 -10.22
C TRP A 218 -13.56 3.45 -11.37
N LYS A 219 -12.57 4.30 -11.12
CA LYS A 219 -11.61 4.65 -12.16
C LYS A 219 -10.22 4.09 -11.90
N GLU A 220 -10.05 3.21 -10.89
CA GLU A 220 -8.74 2.63 -10.65
C GLU A 220 -8.37 1.69 -11.77
N GLU A 221 -7.08 1.55 -11.98
CA GLU A 221 -6.53 0.55 -12.90
C GLU A 221 -6.38 -0.80 -12.20
N PRO A 222 -6.75 -1.89 -12.85
CA PRO A 222 -6.49 -3.21 -12.29
C PRO A 222 -5.01 -3.51 -12.22
N ILE A 223 -4.65 -4.47 -11.37
CA ILE A 223 -3.28 -4.97 -11.36
C ILE A 223 -3.06 -5.88 -12.55
N PRO A 224 -1.79 -6.08 -12.93
CA PRO A 224 -1.42 -7.18 -13.82
C PRO A 224 -1.43 -8.42 -12.96
N CYS A 225 -2.43 -9.27 -13.13
CA CYS A 225 -2.60 -10.41 -12.24
C CYS A 225 -1.74 -11.57 -12.74
N THR A 226 -0.45 -11.38 -12.54
CA THR A 226 0.56 -12.29 -13.04
C THR A 226 1.38 -12.85 -11.89
N ALA A 227 2.10 -13.92 -12.17
CA ALA A 227 3.06 -14.45 -11.19
C ALA A 227 4.06 -13.39 -10.78
N HIS A 228 4.50 -12.60 -11.75
CA HIS A 228 5.46 -11.54 -11.44
C HIS A 228 4.94 -10.54 -10.42
N TRP A 229 3.69 -10.12 -10.54
CA TRP A 229 3.15 -9.18 -9.59
C TRP A 229 3.16 -9.80 -8.21
N HIS A 230 2.82 -11.08 -8.13
CA HIS A 230 2.66 -11.72 -6.84
C HIS A 230 3.98 -12.12 -6.19
N PHE A 231 4.95 -12.55 -7.00
CA PHE A 231 6.16 -13.19 -6.45
C PHE A 231 7.46 -12.49 -6.83
N GLY A 232 7.40 -11.56 -7.79
CA GLY A 232 8.59 -10.89 -8.29
C GLY A 232 8.97 -9.72 -7.41
N GLN A 233 9.99 -8.97 -7.81
CA GLN A 233 10.49 -7.89 -6.99
C GLN A 233 9.49 -6.74 -6.93
N ALA B 4 8.71 -48.19 17.63
CA ALA B 4 7.29 -48.56 17.93
C ALA B 4 6.38 -48.23 16.74
N GLY B 5 5.07 -48.29 16.97
CA GLY B 5 4.11 -48.03 15.91
C GLY B 5 3.78 -46.55 15.82
N LYS B 6 3.18 -46.18 14.69
CA LYS B 6 2.87 -44.79 14.38
C LYS B 6 1.38 -44.60 14.20
N LYS B 7 0.90 -43.41 14.56
CA LYS B 7 -0.48 -43.07 14.35
C LYS B 7 -0.63 -42.10 13.17
N VAL B 8 -1.60 -42.38 12.31
CA VAL B 8 -1.88 -41.55 11.15
C VAL B 8 -3.34 -41.15 11.17
N LEU B 9 -3.56 -39.86 10.92
CA LEU B 9 -4.89 -39.32 10.69
C LEU B 9 -4.98 -38.89 9.24
N ILE B 10 -5.97 -39.38 8.52
CA ILE B 10 -6.24 -38.93 7.16
C ILE B 10 -7.51 -38.09 7.21
N VAL B 11 -7.38 -36.82 6.87
CA VAL B 11 -8.51 -35.90 6.77
C VAL B 11 -8.90 -35.87 5.31
N TYR B 12 -10.07 -36.45 5.00
CA TYR B 12 -10.49 -36.79 3.65
C TYR B 12 -11.69 -35.95 3.25
N ALA B 13 -11.63 -35.33 2.07
CA ALA B 13 -12.67 -34.40 1.65
C ALA B 13 -13.12 -34.67 0.22
N HIS B 14 -13.89 -35.74 0.02
CA HIS B 14 -14.53 -35.97 -1.25
C HIS B 14 -15.88 -36.61 -1.00
N GLN B 15 -16.85 -36.23 -1.84
CA GLN B 15 -18.23 -36.69 -1.69
C GLN B 15 -18.49 -38.13 -2.12
N GLU B 16 -17.62 -38.69 -2.93
CA GLU B 16 -17.91 -39.93 -3.65
C GLU B 16 -16.87 -41.01 -3.36
N PRO B 17 -17.29 -42.11 -2.72
CA PRO B 17 -16.32 -43.13 -2.33
C PRO B 17 -15.59 -43.77 -3.51
N LYS B 18 -16.23 -43.77 -4.69
CA LYS B 18 -15.64 -44.39 -5.88
C LYS B 18 -14.73 -43.44 -6.65
N SER B 19 -14.57 -42.22 -6.17
CA SER B 19 -13.75 -41.23 -6.83
C SER B 19 -12.26 -41.59 -6.79
N PHE B 20 -11.48 -40.89 -7.59
CA PHE B 20 -10.03 -41.04 -7.56
C PHE B 20 -9.51 -40.69 -6.17
N ASN B 21 -10.05 -39.63 -5.57
CA ASN B 21 -9.70 -39.30 -4.19
C ASN B 21 -10.00 -40.45 -3.23
N GLY B 22 -11.18 -41.02 -3.36
CA GLY B 22 -11.57 -42.16 -2.53
C GLY B 22 -10.60 -43.31 -2.68
N SER B 23 -10.15 -43.55 -3.89
CA SER B 23 -9.19 -44.62 -4.14
C SER B 23 -7.85 -44.30 -3.51
N LEU B 24 -7.41 -43.05 -3.59
CA LEU B 24 -6.17 -42.69 -2.94
C LEU B 24 -6.28 -42.80 -1.42
N LYS B 25 -7.42 -42.45 -0.86
CA LYS B 25 -7.64 -42.62 0.57
C LYS B 25 -7.62 -44.10 0.94
N ASN B 26 -8.31 -44.92 0.17
CA ASN B 26 -8.35 -46.35 0.50
C ASN B 26 -7.02 -47.02 0.39
N VAL B 27 -6.21 -46.69 -0.62
CA VAL B 27 -4.93 -47.35 -0.69
C VAL B 27 -4.03 -46.91 0.44
N ALA B 28 -4.18 -45.67 0.93
CA ALA B 28 -3.42 -45.25 2.09
C ALA B 28 -3.85 -46.02 3.33
N VAL B 29 -5.15 -46.19 3.55
CA VAL B 29 -5.60 -46.99 4.68
C VAL B 29 -5.01 -48.41 4.57
N ASP B 30 -5.11 -49.00 3.38
CA ASP B 30 -4.66 -50.39 3.18
C ASP B 30 -3.20 -50.52 3.51
N GLU B 31 -2.37 -49.64 2.96
CA GLU B 31 -0.91 -49.75 3.08
C GLU B 31 -0.44 -49.44 4.50
N LEU B 32 -0.99 -48.37 5.08
CA LEU B 32 -0.59 -48.02 6.42
C LEU B 32 -1.09 -49.06 7.42
N SER B 33 -2.29 -49.60 7.19
CA SER B 33 -2.78 -50.68 8.04
C SER B 33 -1.87 -51.91 7.94
N ARG B 34 -1.49 -52.28 6.73
CA ARG B 34 -0.61 -53.42 6.52
C ARG B 34 0.70 -53.25 7.29
N GLN B 35 1.24 -52.04 7.32
CA GLN B 35 2.46 -51.79 8.06
C GLN B 35 2.31 -51.90 9.55
N GLY B 36 1.10 -51.93 10.06
CA GLY B 36 0.89 -51.97 11.49
C GLY B 36 0.60 -50.62 12.12
N CYS B 37 0.46 -49.57 11.31
CA CYS B 37 0.12 -48.26 11.85
C CYS B 37 -1.29 -48.22 12.38
N THR B 38 -1.52 -47.30 13.30
CA THR B 38 -2.85 -46.99 13.76
C THR B 38 -3.40 -45.95 12.80
N VAL B 39 -4.57 -46.19 12.20
CA VAL B 39 -5.08 -45.32 11.16
C VAL B 39 -6.49 -44.88 11.48
N THR B 40 -6.71 -43.57 11.37
CA THR B 40 -8.03 -42.97 11.55
C THR B 40 -8.31 -42.11 10.34
N VAL B 41 -9.51 -42.16 9.82
CA VAL B 41 -9.97 -41.33 8.72
C VAL B 41 -11.11 -40.43 9.21
N SER B 42 -10.97 -39.12 9.03
CA SER B 42 -12.07 -38.16 9.21
C SER B 42 -12.65 -37.89 7.83
N ASP B 43 -13.74 -38.58 7.51
CA ASP B 43 -14.41 -38.49 6.22
C ASP B 43 -15.40 -37.33 6.31
N LEU B 44 -14.93 -36.12 6.00
CA LEU B 44 -15.66 -34.91 6.37
C LEU B 44 -17.07 -34.85 5.81
N TYR B 45 -17.26 -35.22 4.53
CA TYR B 45 -18.61 -35.14 3.97
C TYR B 45 -19.52 -36.18 4.63
N ALA B 46 -19.02 -37.39 4.89
CA ALA B 46 -19.83 -38.41 5.55
C ALA B 46 -20.19 -37.98 6.97
N MET B 47 -19.32 -37.22 7.61
CA MET B 47 -19.55 -36.70 8.96
C MET B 47 -20.45 -35.48 8.95
N ASN B 48 -20.80 -34.99 7.76
CA ASN B 48 -21.48 -33.71 7.64
C ASN B 48 -20.76 -32.63 8.44
N PHE B 49 -19.44 -32.62 8.32
CA PHE B 49 -18.64 -31.78 9.20
C PHE B 49 -18.99 -30.30 9.06
N GLU B 50 -19.20 -29.62 10.18
CA GLU B 50 -19.57 -28.21 10.17
C GLU B 50 -18.40 -27.33 9.77
N PRO B 51 -18.52 -26.54 8.69
CA PRO B 51 -17.35 -25.73 8.31
C PRO B 51 -17.36 -24.33 8.87
N ARG B 52 -18.51 -23.84 9.32
CA ARG B 52 -18.64 -22.43 9.69
C ARG B 52 -18.08 -22.16 11.07
N ALA B 53 -17.30 -21.07 11.20
CA ALA B 53 -16.77 -20.62 12.48
C ALA B 53 -17.82 -19.75 13.14
N THR B 54 -18.55 -20.26 14.12
CA THR B 54 -19.62 -19.49 14.74
C THR B 54 -19.55 -19.60 16.24
N ASP B 55 -20.39 -18.78 16.90
CA ASP B 55 -20.47 -18.79 18.36
C ASP B 55 -21.04 -20.10 18.91
N LYS B 56 -21.60 -20.93 18.07
CA LYS B 56 -22.05 -22.24 18.52
C LYS B 56 -20.88 -23.15 18.87
N ASP B 57 -19.67 -22.77 18.47
CA ASP B 57 -18.48 -23.58 18.74
C ASP B 57 -17.96 -23.49 20.16
N ILE B 58 -18.57 -22.61 20.94
CA ILE B 58 -18.29 -22.50 22.38
C ILE B 58 -19.55 -22.84 23.11
N THR B 59 -19.48 -23.80 24.04
CA THR B 59 -20.64 -24.16 24.85
C THR B 59 -20.51 -23.48 26.18
N GLY B 60 -21.30 -22.44 26.39
CA GLY B 60 -21.27 -21.66 27.62
C GLY B 60 -21.19 -20.17 27.39
N THR B 61 -21.19 -19.43 28.49
CA THR B 61 -21.12 -17.98 28.44
C THR B 61 -19.80 -17.52 27.82
N LEU B 62 -19.90 -16.62 26.83
CA LEU B 62 -18.73 -16.06 26.18
C LEU B 62 -18.00 -15.07 27.09
N SER B 63 -16.73 -14.80 26.79
CA SER B 63 -15.97 -13.79 27.50
C SER B 63 -16.44 -12.36 27.20
N ASN B 64 -16.72 -12.08 25.94
CA ASN B 64 -17.09 -10.75 25.48
C ASN B 64 -18.21 -10.88 24.46
N PRO B 65 -19.41 -11.23 24.94
CA PRO B 65 -20.52 -11.48 24.02
C PRO B 65 -21.01 -10.26 23.26
N GLU B 66 -20.77 -9.07 23.79
CA GLU B 66 -21.19 -7.86 23.11
C GLU B 66 -20.49 -7.64 21.77
N VAL B 67 -19.26 -8.13 21.64
CA VAL B 67 -18.52 -8.02 20.40
C VAL B 67 -17.79 -9.34 20.20
N PHE B 68 -18.41 -10.24 19.44
CA PHE B 68 -17.91 -11.59 19.28
C PHE B 68 -16.69 -11.65 18.38
N ASN B 69 -15.60 -12.20 18.92
CA ASN B 69 -14.39 -12.43 18.14
C ASN B 69 -14.07 -13.93 18.22
N TYR B 70 -14.18 -14.60 17.09
CA TYR B 70 -14.08 -16.05 17.03
C TYR B 70 -12.77 -16.54 17.60
N GLY B 71 -11.66 -15.93 17.23
CA GLY B 71 -10.35 -16.36 17.72
C GLY B 71 -10.24 -16.23 19.24
N VAL B 72 -10.65 -15.08 19.78
CA VAL B 72 -10.56 -14.86 21.20
C VAL B 72 -11.44 -15.86 21.96
N GLU B 73 -12.64 -16.10 21.47
CA GLU B 73 -13.59 -16.89 22.23
C GLU B 73 -13.21 -18.37 22.15
N THR B 74 -12.70 -18.82 21.00
CA THR B 74 -12.29 -20.21 20.90
C THR B 74 -11.00 -20.47 21.65
N HIS B 75 -10.11 -19.49 21.70
CA HIS B 75 -8.91 -19.63 22.51
C HIS B 75 -9.30 -19.91 23.97
N GLU B 76 -10.21 -19.10 24.49
CA GLU B 76 -10.64 -19.26 25.87
C GLU B 76 -11.38 -20.58 26.04
N ALA B 77 -12.24 -20.93 25.09
CA ALA B 77 -13.00 -22.17 25.18
C ALA B 77 -12.05 -23.38 25.17
N TYR B 78 -10.97 -23.29 24.42
CA TYR B 78 -10.02 -24.39 24.44
C TYR B 78 -9.45 -24.56 25.85
N LYS B 79 -9.04 -23.46 26.47
CA LYS B 79 -8.52 -23.51 27.83
C LYS B 79 -9.54 -24.00 28.83
N GLN B 80 -10.80 -23.63 28.63
CA GLN B 80 -11.88 -24.00 29.54
C GLN B 80 -12.48 -25.36 29.23
N ARG B 81 -11.99 -26.04 28.20
CA ARG B 81 -12.52 -27.33 27.75
C ARG B 81 -14.00 -27.25 27.39
N SER B 82 -14.39 -26.13 26.77
CA SER B 82 -15.78 -25.88 26.42
C SER B 82 -16.04 -25.76 24.92
N LEU B 83 -15.10 -26.18 24.08
CA LEU B 83 -15.36 -26.20 22.65
C LEU B 83 -16.38 -27.25 22.30
N ALA B 84 -17.04 -27.06 21.16
CA ALA B 84 -17.95 -28.05 20.62
C ALA B 84 -17.29 -29.43 20.54
N SER B 85 -18.13 -30.46 20.71
CA SER B 85 -17.74 -31.87 20.65
C SER B 85 -17.01 -32.22 19.37
N ASP B 86 -17.49 -31.73 18.23
CA ASP B 86 -16.87 -32.10 16.98
C ASP B 86 -15.42 -31.64 16.90
N ILE B 87 -15.18 -30.41 17.34
CA ILE B 87 -13.84 -29.85 17.37
C ILE B 87 -12.97 -30.65 18.34
N THR B 88 -13.51 -30.89 19.52
CA THR B 88 -12.76 -31.58 20.57
C THR B 88 -12.35 -32.97 20.09
N ASP B 89 -13.25 -33.67 19.41
CA ASP B 89 -12.96 -35.00 18.92
C ASP B 89 -11.87 -34.98 17.85
N GLU B 90 -11.90 -34.00 16.95
CA GLU B 90 -10.84 -33.87 15.97
C GLU B 90 -9.51 -33.55 16.62
N GLN B 91 -9.52 -32.68 17.62
CA GLN B 91 -8.29 -32.34 18.32
C GLN B 91 -7.63 -33.55 18.97
N LYS B 92 -8.42 -34.47 19.49
CA LYS B 92 -7.81 -35.67 20.07
C LYS B 92 -7.08 -36.47 19.00
N LYS B 93 -7.71 -36.60 17.83
CA LYS B 93 -7.11 -37.34 16.73
C LYS B 93 -5.80 -36.67 16.27
N VAL B 94 -5.80 -35.35 16.19
CA VAL B 94 -4.60 -34.64 15.78
C VAL B 94 -3.51 -34.73 16.83
N ARG B 95 -3.90 -34.52 18.09
CA ARG B 95 -2.96 -34.57 19.21
C ARG B 95 -2.19 -35.89 19.23
N GLU B 96 -2.89 -36.98 18.96
CA GLU B 96 -2.28 -38.30 19.07
C GLU B 96 -1.57 -38.70 17.78
N ALA B 97 -1.87 -38.05 16.66
CA ALA B 97 -1.30 -38.43 15.38
C ALA B 97 0.18 -38.10 15.29
N ASP B 98 0.95 -38.99 14.67
CA ASP B 98 2.32 -38.71 14.27
C ASP B 98 2.40 -38.08 12.88
N LEU B 99 1.45 -38.40 12.03
CA LEU B 99 1.36 -37.94 10.65
C LEU B 99 -0.10 -37.63 10.34
N VAL B 100 -0.35 -36.45 9.78
CA VAL B 100 -1.68 -36.08 9.30
C VAL B 100 -1.59 -35.92 7.78
N ILE B 101 -2.35 -36.73 7.07
CA ILE B 101 -2.47 -36.67 5.63
C ILE B 101 -3.78 -36.00 5.29
N PHE B 102 -3.75 -35.02 4.39
CA PHE B 102 -4.95 -34.39 3.87
C PHE B 102 -5.17 -34.92 2.47
N GLN B 103 -6.34 -35.51 2.21
CA GLN B 103 -6.64 -36.06 0.90
C GLN B 103 -7.80 -35.27 0.31
N PHE B 104 -7.57 -34.56 -0.79
CA PHE B 104 -8.61 -33.68 -1.34
C PHE B 104 -8.38 -33.33 -2.79
N PRO B 105 -9.47 -33.07 -3.50
CA PRO B 105 -9.39 -32.39 -4.80
C PRO B 105 -9.14 -30.89 -4.60
N LEU B 106 -8.29 -30.33 -5.46
CA LEU B 106 -8.05 -28.90 -5.46
C LEU B 106 -9.33 -28.19 -5.87
N TYR B 107 -9.80 -27.28 -5.01
CA TYR B 107 -10.92 -26.39 -5.32
C TYR B 107 -10.41 -24.97 -5.24
N TRP B 108 -10.39 -24.27 -6.37
CA TRP B 108 -9.98 -22.87 -6.42
C TRP B 108 -8.61 -22.67 -5.80
N PHE B 109 -7.68 -23.48 -6.26
CA PHE B 109 -6.27 -23.38 -5.87
C PHE B 109 -6.10 -23.60 -4.35
N SER B 110 -7.03 -24.31 -3.75
CA SER B 110 -7.02 -24.48 -2.30
C SER B 110 -7.81 -25.75 -1.93
N VAL B 111 -8.16 -25.88 -0.66
CA VAL B 111 -8.92 -27.02 -0.17
C VAL B 111 -10.41 -26.76 -0.35
N PRO B 112 -11.20 -27.82 -0.54
CA PRO B 112 -12.65 -27.64 -0.49
C PRO B 112 -13.07 -26.99 0.82
N ALA B 113 -14.14 -26.21 0.79
CA ALA B 113 -14.57 -25.45 1.96
C ALA B 113 -14.81 -26.34 3.18
N ILE B 114 -15.29 -27.57 3.02
CA ILE B 114 -15.51 -28.39 4.21
C ILE B 114 -14.19 -28.67 4.96
N LEU B 115 -13.12 -28.85 4.20
CA LEU B 115 -11.79 -29.05 4.74
C LEU B 115 -11.20 -27.73 5.26
N LYS B 116 -11.46 -26.63 4.55
CA LYS B 116 -11.08 -25.32 5.09
C LYS B 116 -11.71 -25.11 6.47
N GLY B 117 -12.95 -25.54 6.64
CA GLY B 117 -13.62 -25.40 7.91
C GLY B 117 -13.01 -26.25 9.02
N TRP B 118 -12.57 -27.44 8.67
CA TRP B 118 -11.80 -28.26 9.60
C TRP B 118 -10.56 -27.49 10.03
N MET B 119 -9.80 -26.92 9.12
CA MET B 119 -8.64 -26.14 9.50
CA MET B 119 -8.62 -26.13 9.49
C MET B 119 -8.99 -24.97 10.41
N ASP B 120 -10.00 -24.21 10.02
CA ASP B 120 -10.41 -23.03 10.74
C ASP B 120 -10.84 -23.37 12.18
N ARG B 121 -11.58 -24.47 12.34
CA ARG B 121 -12.24 -24.77 13.61
C ARG B 121 -11.40 -25.66 14.51
N VAL B 122 -10.67 -26.61 13.94
CA VAL B 122 -9.91 -27.55 14.74
C VAL B 122 -8.58 -26.97 15.22
N LEU B 123 -7.90 -26.22 14.34
CA LEU B 123 -6.54 -25.75 14.64
C LEU B 123 -6.60 -24.45 15.41
N CYS B 124 -7.21 -24.47 16.59
CA CYS B 124 -7.47 -23.23 17.30
C CYS B 124 -6.29 -22.77 18.14
N GLN B 125 -6.36 -21.49 18.49
CA GLN B 125 -5.38 -20.89 19.35
C GLN B 125 -5.42 -21.59 20.70
N GLY B 126 -4.24 -21.86 21.26
CA GLY B 126 -4.12 -22.66 22.46
C GLY B 126 -3.90 -24.15 22.20
N PHE B 127 -4.40 -24.64 21.08
CA PHE B 127 -4.25 -26.05 20.71
C PHE B 127 -3.13 -26.24 19.69
N ALA B 128 -3.25 -25.53 18.58
CA ALA B 128 -2.32 -25.70 17.47
C ALA B 128 -1.18 -24.69 17.42
N PHE B 129 -1.43 -23.52 18.00
CA PHE B 129 -0.49 -22.41 18.02
C PHE B 129 -0.83 -21.49 19.17
N ASP B 130 0.14 -20.72 19.62
CA ASP B 130 -0.10 -19.58 20.49
C ASP B 130 0.41 -18.32 19.81
N ILE B 131 0.02 -17.15 20.32
CA ILE B 131 0.51 -15.86 19.80
C ILE B 131 1.19 -15.13 20.93
N PRO B 132 2.53 -15.17 20.97
CA PRO B 132 3.43 -15.89 20.09
C PRO B 132 3.46 -17.39 20.39
N GLY B 133 4.11 -18.17 19.52
CA GLY B 133 4.15 -19.61 19.64
C GLY B 133 3.72 -20.30 18.36
N PHE B 134 4.44 -20.04 17.28
CA PHE B 134 4.05 -20.46 15.95
C PHE B 134 5.30 -20.68 15.11
N TYR B 135 5.10 -21.16 13.89
CA TYR B 135 6.15 -21.68 13.03
C TYR B 135 6.97 -22.70 13.82
N ASP B 136 8.28 -22.53 13.96
CA ASP B 136 9.07 -23.57 14.61
C ASP B 136 8.75 -23.68 16.11
N SER B 137 8.02 -22.71 16.67
CA SER B 137 7.54 -22.77 18.04
C SER B 137 6.03 -23.11 18.11
N GLY B 138 5.46 -23.57 17.00
CA GLY B 138 4.05 -23.99 17.00
C GLY B 138 3.82 -25.17 17.94
N LEU B 139 2.58 -25.35 18.36
CA LEU B 139 2.28 -26.33 19.39
C LEU B 139 2.22 -27.78 18.88
N LEU B 140 2.17 -27.97 17.57
CA LEU B 140 2.15 -29.30 16.97
C LEU B 140 3.53 -29.69 16.46
N GLN B 141 4.57 -29.06 16.96
CA GLN B 141 5.92 -29.50 16.66
C GLN B 141 6.10 -30.97 17.01
N GLY B 142 6.92 -31.64 16.22
CA GLY B 142 7.14 -33.05 16.38
C GLY B 142 6.26 -33.88 15.46
N LYS B 143 5.26 -33.25 14.85
CA LYS B 143 4.31 -33.97 14.00
C LYS B 143 4.64 -33.71 12.53
N LEU B 144 4.21 -34.63 11.68
CA LEU B 144 4.37 -34.49 10.23
C LEU B 144 3.01 -34.29 9.57
N ALA B 145 3.01 -33.58 8.46
CA ALA B 145 1.81 -33.39 7.65
C ALA B 145 2.14 -33.58 6.19
N LEU B 146 1.16 -33.97 5.40
CA LEU B 146 1.37 -34.27 4.00
C LEU B 146 0.07 -33.95 3.25
N LEU B 147 0.17 -33.11 2.21
CA LEU B 147 -0.96 -32.82 1.34
C LEU B 147 -0.99 -33.78 0.14
N SER B 148 -2.05 -34.55 0.01
CA SER B 148 -2.27 -35.41 -1.15
C SER B 148 -3.45 -34.81 -1.92
N VAL B 149 -3.12 -34.19 -3.02
CA VAL B 149 -4.02 -33.32 -3.77
C VAL B 149 -4.22 -33.86 -5.19
N THR B 150 -5.44 -33.81 -5.70
CA THR B 150 -5.71 -34.10 -7.09
C THR B 150 -6.14 -32.81 -7.78
N THR B 151 -5.87 -32.68 -9.08
CA THR B 151 -6.21 -31.45 -9.80
C THR B 151 -7.02 -31.71 -11.05
N GLY B 152 -7.74 -30.70 -11.50
CA GLY B 152 -8.29 -30.72 -12.85
C GLY B 152 -7.21 -30.41 -13.89
N GLY B 153 -6.40 -29.41 -13.59
CA GLY B 153 -5.34 -28.98 -14.49
C GLY B 153 -4.17 -29.95 -14.60
N THR B 154 -3.53 -29.96 -15.77
CA THR B 154 -2.38 -30.84 -16.00
C THR B 154 -1.11 -30.29 -15.38
N ALA B 155 -0.12 -31.17 -15.23
CA ALA B 155 1.16 -30.78 -14.65
C ALA B 155 1.75 -29.63 -15.47
N GLU B 156 1.57 -29.69 -16.78
CA GLU B 156 2.12 -28.69 -17.67
C GLU B 156 1.47 -27.33 -17.43
N MET B 157 0.17 -27.32 -17.16
CA MET B 157 -0.53 -26.08 -16.83
C MET B 157 0.01 -25.47 -15.53
N TYR B 158 0.42 -26.35 -14.61
CA TYR B 158 0.97 -25.95 -13.31
C TYR B 158 2.50 -25.87 -13.33
N THR B 159 3.01 -25.18 -14.34
CA THR B 159 4.42 -24.86 -14.40
C THR B 159 4.56 -23.36 -14.45
N LYS B 160 5.76 -22.87 -14.21
CA LYS B 160 5.99 -21.43 -14.17
C LYS B 160 5.46 -20.74 -15.43
N THR B 161 5.60 -21.40 -16.59
CA THR B 161 5.17 -20.79 -17.84
C THR B 161 3.79 -21.26 -18.30
N GLY B 162 3.18 -22.15 -17.53
CA GLY B 162 1.81 -22.56 -17.80
C GLY B 162 0.84 -21.51 -17.27
N VAL B 163 -0.41 -21.59 -17.71
CA VAL B 163 -1.40 -20.58 -17.36
C VAL B 163 -1.66 -20.49 -15.85
N ASN B 164 -1.37 -21.57 -15.12
CA ASN B 164 -1.68 -21.64 -13.68
C ASN B 164 -0.52 -21.25 -12.79
N GLY B 165 0.67 -21.10 -13.36
CA GLY B 165 1.85 -20.95 -12.53
C GLY B 165 2.28 -22.28 -11.90
N ASP B 166 3.45 -22.28 -11.26
CA ASP B 166 3.97 -23.51 -10.69
C ASP B 166 3.06 -24.02 -9.59
N SER B 167 2.95 -25.34 -9.49
CA SER B 167 2.12 -25.96 -8.47
C SER B 167 2.53 -25.54 -7.05
N ARG B 168 3.83 -25.32 -6.86
CA ARG B 168 4.28 -24.96 -5.52
C ARG B 168 3.68 -23.63 -5.06
N TYR B 169 3.34 -22.77 -6.00
CA TYR B 169 2.81 -21.46 -5.64
C TYR B 169 1.53 -21.56 -4.83
N PHE B 170 0.63 -22.47 -5.20
CA PHE B 170 -0.64 -22.56 -4.47
C PHE B 170 -0.51 -23.31 -3.15
N LEU B 171 0.62 -24.00 -2.93
CA LEU B 171 0.81 -24.71 -1.69
C LEU B 171 1.09 -23.78 -0.51
N TRP B 172 1.54 -22.56 -0.77
CA TRP B 172 2.02 -21.68 0.29
C TRP B 172 1.05 -21.46 1.45
N PRO B 173 -0.22 -21.12 1.19
CA PRO B 173 -1.12 -20.88 2.35
C PRO B 173 -1.34 -22.12 3.20
N LEU B 174 -1.30 -23.27 2.54
CA LEU B 174 -1.55 -24.55 3.19
C LEU B 174 -0.32 -25.06 3.92
N GLN B 175 0.80 -25.18 3.21
CA GLN B 175 2.02 -25.71 3.81
C GLN B 175 2.64 -24.74 4.79
N HIS B 176 2.78 -23.49 4.40
CA HIS B 176 3.47 -22.53 5.25
C HIS B 176 2.49 -21.86 6.21
N GLY B 177 1.45 -21.23 5.66
CA GLY B 177 0.56 -20.43 6.47
C GLY B 177 -0.25 -21.21 7.48
N THR B 178 -0.45 -22.50 7.21
CA THR B 178 -1.23 -23.36 8.09
C THR B 178 -0.37 -24.39 8.79
N LEU B 179 0.17 -25.33 8.04
CA LEU B 179 0.84 -26.47 8.66
C LEU B 179 2.13 -26.06 9.39
N HIS B 180 3.03 -25.39 8.69
CA HIS B 180 4.27 -24.92 9.32
C HIS B 180 3.96 -23.97 10.47
N PHE B 181 2.97 -23.09 10.27
CA PHE B 181 2.59 -22.16 11.32
C PHE B 181 2.27 -22.89 12.63
N CYS B 182 1.60 -24.03 12.53
CA CYS B 182 1.26 -24.81 13.71
C CYS B 182 2.41 -25.70 14.22
N GLY B 183 3.57 -25.64 13.58
CA GLY B 183 4.74 -26.40 14.00
C GLY B 183 4.92 -27.73 13.31
N PHE B 184 4.04 -28.12 12.39
CA PHE B 184 4.27 -29.32 11.62
C PHE B 184 5.52 -29.19 10.80
N LYS B 185 6.21 -30.31 10.64
CA LYS B 185 7.10 -30.48 9.50
C LYS B 185 6.30 -31.09 8.36
N VAL B 186 6.62 -30.64 7.16
CA VAL B 186 5.82 -30.90 6.00
C VAL B 186 6.53 -31.85 5.05
N LEU B 187 5.96 -33.03 4.84
CA LEU B 187 6.50 -33.95 3.85
C LEU B 187 6.10 -33.46 2.47
N ALA B 188 6.89 -33.82 1.45
CA ALA B 188 6.65 -33.33 0.12
C ALA B 188 5.23 -33.68 -0.33
N PRO B 189 4.56 -32.76 -1.03
CA PRO B 189 3.18 -33.04 -1.42
C PRO B 189 3.07 -34.17 -2.41
N GLN B 190 1.98 -34.89 -2.36
CA GLN B 190 1.64 -35.84 -3.41
C GLN B 190 0.60 -35.17 -4.30
N ILE B 191 1.01 -34.76 -5.49
CA ILE B 191 0.07 -34.15 -6.42
C ILE B 191 -0.20 -35.11 -7.57
N SER B 192 -1.45 -35.53 -7.66
CA SER B 192 -1.92 -36.43 -8.70
C SER B 192 -2.66 -35.56 -9.73
N PHE B 193 -1.96 -35.21 -10.80
CA PHE B 193 -2.49 -34.25 -11.77
C PHE B 193 -3.54 -34.84 -12.71
N ALA B 194 -4.68 -34.15 -12.84
CA ALA B 194 -5.60 -34.36 -13.95
C ALA B 194 -6.00 -35.84 -14.14
N PRO B 195 -6.50 -36.50 -13.09
CA PRO B 195 -6.91 -37.90 -13.28
C PRO B 195 -8.06 -38.06 -14.27
N GLU B 196 -8.92 -37.07 -14.40
CA GLU B 196 -10.03 -37.17 -15.35
C GLU B 196 -9.49 -37.30 -16.79
N ILE B 197 -8.42 -36.57 -17.10
CA ILE B 197 -7.81 -36.56 -18.43
C ILE B 197 -6.92 -37.77 -18.66
N ALA B 198 -6.34 -38.29 -17.60
CA ALA B 198 -5.43 -39.43 -17.69
C ALA B 198 -6.14 -40.68 -18.20
N SER B 199 -5.35 -41.56 -18.82
CA SER B 199 -5.84 -42.86 -19.27
C SER B 199 -6.03 -43.78 -18.08
N GLU B 200 -6.72 -44.89 -18.30
CA GLU B 200 -6.93 -45.85 -17.24
C GLU B 200 -5.59 -46.28 -16.68
N GLU B 201 -4.62 -46.52 -17.58
CA GLU B 201 -3.30 -46.97 -17.17
C GLU B 201 -2.59 -45.93 -16.31
N GLU B 202 -2.66 -44.67 -16.74
CA GLU B 202 -2.01 -43.59 -16.02
C GLU B 202 -2.66 -43.39 -14.66
N ARG B 203 -3.97 -43.53 -14.61
CA ARG B 203 -4.67 -43.40 -13.33
C ARG B 203 -4.27 -44.52 -12.36
N LYS B 204 -4.24 -45.76 -12.83
CA LYS B 204 -3.82 -46.87 -11.98
C LYS B 204 -2.39 -46.64 -11.52
N GLY B 205 -1.56 -46.08 -12.39
CA GLY B 205 -0.18 -45.75 -12.09
C GLY B 205 -0.07 -44.72 -10.98
N MET B 206 -0.91 -43.69 -11.01
CA MET B 206 -0.87 -42.65 -9.98
C MET B 206 -1.28 -43.23 -8.63
N VAL B 207 -2.27 -44.11 -8.63
CA VAL B 207 -2.68 -44.76 -7.39
C VAL B 207 -1.56 -45.65 -6.85
N ALA B 208 -0.93 -46.43 -7.73
CA ALA B 208 0.15 -47.31 -7.32
C ALA B 208 1.35 -46.54 -6.81
N ALA B 209 1.62 -45.39 -7.41
CA ALA B 209 2.76 -44.57 -7.03
C ALA B 209 2.59 -44.06 -5.61
N TRP B 210 1.36 -43.71 -5.27
CA TRP B 210 1.06 -43.24 -3.92
C TRP B 210 1.22 -44.39 -2.93
N SER B 211 0.65 -45.55 -3.24
CA SER B 211 0.80 -46.72 -2.38
C SER B 211 2.29 -47.07 -2.17
N GLN B 212 3.06 -47.04 -3.25
CA GLN B 212 4.47 -47.35 -3.20
C GLN B 212 5.24 -46.32 -2.38
N ARG B 213 4.93 -45.04 -2.56
CA ARG B 213 5.55 -44.01 -1.72
C ARG B 213 5.27 -44.28 -0.24
N LEU B 214 4.03 -44.64 0.08
CA LEU B 214 3.66 -44.86 1.47
C LEU B 214 4.45 -46.01 2.14
N GLN B 215 4.90 -46.97 1.35
CA GLN B 215 5.72 -48.07 1.89
C GLN B 215 6.95 -47.56 2.63
N THR B 216 7.52 -46.44 2.19
CA THR B 216 8.72 -45.91 2.84
C THR B 216 8.51 -44.50 3.40
N ILE B 217 7.28 -44.14 3.70
CA ILE B 217 6.96 -42.77 4.10
C ILE B 217 7.71 -42.38 5.40
N TRP B 218 7.97 -43.35 6.27
CA TRP B 218 8.58 -43.05 7.56
C TRP B 218 10.07 -42.80 7.44
N LYS B 219 10.64 -43.09 6.29
CA LYS B 219 12.06 -42.80 6.02
C LYS B 219 12.26 -41.40 5.42
N GLU B 220 11.18 -40.75 5.02
CA GLU B 220 11.29 -39.44 4.38
C GLU B 220 11.68 -38.35 5.36
N GLU B 221 12.38 -37.34 4.82
CA GLU B 221 12.62 -36.11 5.54
C GLU B 221 11.68 -35.04 4.99
N PRO B 222 11.29 -34.12 5.85
CA PRO B 222 10.39 -33.07 5.36
C PRO B 222 11.10 -32.09 4.45
N ILE B 223 10.32 -31.31 3.72
CA ILE B 223 10.86 -30.19 2.95
C ILE B 223 11.26 -29.05 3.88
N PRO B 224 12.13 -28.14 3.39
CA PRO B 224 12.29 -26.86 4.06
C PRO B 224 11.13 -25.94 3.63
N CYS B 225 10.21 -25.70 4.55
CA CYS B 225 8.99 -24.99 4.20
C CYS B 225 9.24 -23.48 4.23
N THR B 226 9.97 -23.05 3.20
CA THR B 226 10.45 -21.68 3.08
C THR B 226 9.89 -21.02 1.84
N ALA B 227 10.00 -19.69 1.81
CA ALA B 227 9.62 -18.93 0.62
C ALA B 227 10.43 -19.40 -0.58
N HIS B 228 11.73 -19.64 -0.37
CA HIS B 228 12.58 -20.09 -1.47
C HIS B 228 12.09 -21.42 -2.05
N TRP B 229 11.72 -22.37 -1.21
CA TRP B 229 11.24 -23.65 -1.70
C TRP B 229 10.01 -23.45 -2.58
N HIS B 230 9.12 -22.56 -2.15
CA HIS B 230 7.85 -22.39 -2.87
C HIS B 230 7.97 -21.54 -4.14
N PHE B 231 8.82 -20.51 -4.11
CA PHE B 231 8.82 -19.47 -5.14
C PHE B 231 10.13 -19.33 -5.87
N GLY B 232 11.20 -19.91 -5.36
CA GLY B 232 12.47 -19.91 -6.07
C GLY B 232 13.20 -18.60 -5.96
N GLN B 233 14.07 -18.34 -6.96
CA GLN B 233 14.88 -17.13 -7.04
C GLN B 233 15.74 -16.90 -5.79
N ALA C 4 15.46 -12.03 -0.32
CA ALA C 4 15.64 -11.66 1.11
C ALA C 4 14.95 -10.34 1.42
N GLY C 5 14.79 -9.50 0.41
CA GLY C 5 14.03 -8.27 0.55
C GLY C 5 14.77 -7.19 1.31
N LYS C 6 16.10 -7.19 1.20
CA LYS C 6 16.91 -6.21 1.89
C LYS C 6 17.73 -5.38 0.89
N LYS C 7 17.07 -4.92 -0.16
CA LYS C 7 17.67 -3.97 -1.07
C LYS C 7 17.29 -2.55 -0.61
N VAL C 8 18.29 -1.70 -0.48
CA VAL C 8 18.14 -0.35 0.02
C VAL C 8 18.67 0.66 -0.98
N LEU C 9 17.89 1.71 -1.20
CA LEU C 9 18.33 2.88 -1.93
C LEU C 9 18.41 4.02 -0.94
N ILE C 10 19.56 4.70 -0.89
CA ILE C 10 19.71 5.92 -0.11
C ILE C 10 19.75 7.07 -1.12
N VAL C 11 18.77 7.98 -1.02
CA VAL C 11 18.74 9.22 -1.80
C VAL C 11 19.26 10.33 -0.89
N TYR C 12 20.43 10.86 -1.25
CA TYR C 12 21.24 11.69 -0.37
C TYR C 12 21.38 13.07 -1.01
N ALA C 13 21.12 14.10 -0.22
CA ALA C 13 21.10 15.48 -0.72
C ALA C 13 21.91 16.42 0.18
N HIS C 14 23.23 16.31 0.13
CA HIS C 14 24.09 17.28 0.79
C HIS C 14 25.34 17.49 -0.07
N GLN C 15 25.79 18.74 -0.10
CA GLN C 15 26.93 19.16 -0.92
C GLN C 15 28.31 18.75 -0.39
N GLU C 16 28.39 18.31 0.86
CA GLU C 16 29.68 18.22 1.56
C GLU C 16 29.80 16.86 2.25
N PRO C 17 30.74 16.02 1.79
CA PRO C 17 30.86 14.68 2.38
C PRO C 17 31.21 14.67 3.87
N LYS C 18 31.87 15.70 4.36
CA LYS C 18 32.27 15.75 5.76
C LYS C 18 31.17 16.31 6.67
N SER C 19 30.04 16.65 6.09
CA SER C 19 28.92 17.19 6.85
C SER C 19 28.30 16.16 7.79
N PHE C 20 27.46 16.65 8.69
CA PHE C 20 26.71 15.73 9.55
C PHE C 20 25.85 14.81 8.70
N ASN C 21 25.22 15.34 7.66
CA ASN C 21 24.48 14.49 6.72
C ASN C 21 25.36 13.42 6.09
N GLY C 22 26.57 13.83 5.67
CA GLY C 22 27.52 12.89 5.08
C GLY C 22 27.86 11.76 6.05
N SER C 23 28.01 12.12 7.32
CA SER C 23 28.30 11.12 8.35
C SER C 23 27.13 10.15 8.55
N LEU C 24 25.91 10.68 8.59
CA LEU C 24 24.73 9.84 8.72
C LEU C 24 24.58 8.90 7.51
N LYS C 25 24.91 9.41 6.33
CA LYS C 25 24.88 8.59 5.12
C LYS C 25 25.88 7.43 5.23
N ASN C 26 27.09 7.75 5.65
CA ASN C 26 28.14 6.74 5.77
C ASN C 26 27.82 5.69 6.82
N VAL C 27 27.19 6.10 7.91
CA VAL C 27 26.75 5.16 8.94
C VAL C 27 25.73 4.16 8.38
N ALA C 28 24.79 4.67 7.59
CA ALA C 28 23.80 3.78 7.00
C ALA C 28 24.50 2.80 6.03
N VAL C 29 25.42 3.28 5.21
CA VAL C 29 26.15 2.40 4.32
C VAL C 29 26.91 1.32 5.13
N ASP C 30 27.61 1.74 6.18
CA ASP C 30 28.39 0.85 7.04
C ASP C 30 27.51 -0.25 7.62
N GLU C 31 26.46 0.15 8.33
CA GLU C 31 25.63 -0.81 9.04
CA GLU C 31 25.64 -0.81 9.05
C GLU C 31 24.84 -1.71 8.11
N LEU C 32 24.21 -1.12 7.11
CA LEU C 32 23.39 -1.89 6.20
C LEU C 32 24.25 -2.87 5.40
N SER C 33 25.46 -2.46 5.00
CA SER C 33 26.33 -3.36 4.22
C SER C 33 26.81 -4.54 5.10
N ARG C 34 27.16 -4.26 6.35
CA ARG C 34 27.62 -5.33 7.24
C ARG C 34 26.51 -6.36 7.43
N GLN C 35 25.27 -5.91 7.50
CA GLN C 35 24.12 -6.80 7.60
C GLN C 35 23.95 -7.66 6.37
N GLY C 36 24.59 -7.26 5.27
CA GLY C 36 24.46 -7.98 4.02
C GLY C 36 23.36 -7.45 3.11
N CYS C 37 22.83 -6.26 3.42
CA CYS C 37 21.89 -5.59 2.52
C CYS C 37 22.55 -5.20 1.22
N THR C 38 21.76 -5.14 0.17
CA THR C 38 22.21 -4.64 -1.11
C THR C 38 21.93 -3.13 -1.14
N VAL C 39 22.96 -2.31 -1.30
CA VAL C 39 22.86 -0.87 -1.12
C VAL C 39 23.26 -0.12 -2.38
N THR C 40 22.44 0.88 -2.73
CA THR C 40 22.68 1.79 -3.85
C THR C 40 22.51 3.21 -3.28
N VAL C 41 23.35 4.14 -3.70
CA VAL C 41 23.26 5.53 -3.24
C VAL C 41 23.14 6.48 -4.42
N SER C 42 22.12 7.34 -4.41
CA SER C 42 22.00 8.43 -5.35
C SER C 42 22.44 9.70 -4.65
N ASP C 43 23.67 10.11 -4.92
CA ASP C 43 24.24 11.33 -4.36
C ASP C 43 23.89 12.47 -5.31
N LEU C 44 22.76 13.12 -5.04
CA LEU C 44 22.16 14.01 -6.02
C LEU C 44 23.05 15.17 -6.40
N TYR C 45 23.72 15.81 -5.45
CA TYR C 45 24.61 16.90 -5.86
C TYR C 45 25.79 16.40 -6.69
N ALA C 46 26.36 15.26 -6.31
CA ALA C 46 27.50 14.74 -7.08
C ALA C 46 27.06 14.39 -8.49
N MET C 47 25.82 13.96 -8.64
CA MET C 47 25.23 13.60 -9.94
C MET C 47 24.81 14.82 -10.75
N ASN C 48 24.90 16.00 -10.15
CA ASN C 48 24.32 17.21 -10.72
C ASN C 48 22.87 16.98 -11.15
N PHE C 49 22.09 16.31 -10.29
CA PHE C 49 20.75 15.87 -10.65
C PHE C 49 19.86 17.05 -11.09
N GLU C 50 19.18 16.90 -12.23
CA GLU C 50 18.30 17.93 -12.77
C GLU C 50 17.01 18.04 -11.95
N PRO C 51 16.72 19.22 -11.36
CA PRO C 51 15.49 19.30 -10.56
C PRO C 51 14.26 19.78 -11.32
N ARG C 52 14.43 20.41 -12.48
CA ARG C 52 13.31 21.07 -13.14
C ARG C 52 12.44 20.10 -13.93
N ALA C 53 11.14 20.29 -13.83
CA ALA C 53 10.17 19.50 -14.56
C ALA C 53 9.93 20.20 -15.89
N THR C 54 10.58 19.71 -16.93
CA THR C 54 10.47 20.33 -18.25
C THR C 54 10.24 19.32 -19.36
N ASP C 55 9.96 19.86 -20.55
CA ASP C 55 9.74 19.04 -21.73
C ASP C 55 10.96 18.22 -22.15
N LYS C 56 12.15 18.53 -21.62
CA LYS C 56 13.33 17.71 -21.91
C LYS C 56 13.25 16.35 -21.22
N ASP C 57 12.31 16.17 -20.32
CA ASP C 57 12.18 14.91 -19.60
C ASP C 57 11.54 13.83 -20.44
N ILE C 58 10.95 14.23 -21.56
CA ILE C 58 10.42 13.31 -22.54
C ILE C 58 11.36 13.23 -23.74
N THR C 59 11.81 12.03 -24.07
CA THR C 59 12.68 11.80 -25.21
C THR C 59 11.84 11.70 -26.49
N GLY C 60 12.37 12.26 -27.58
CA GLY C 60 11.67 12.23 -28.85
C GLY C 60 10.50 13.19 -28.91
N THR C 61 9.46 12.80 -29.65
CA THR C 61 8.35 13.69 -29.93
C THR C 61 7.35 13.74 -28.78
N LEU C 62 6.91 14.95 -28.44
CA LEU C 62 5.89 15.13 -27.42
C LEU C 62 4.53 14.78 -27.99
N SER C 63 3.62 14.35 -27.13
CA SER C 63 2.27 14.01 -27.57
C SER C 63 1.52 15.26 -28.00
N ASN C 64 1.78 16.37 -27.31
CA ASN C 64 1.22 17.66 -27.71
C ASN C 64 2.26 18.78 -27.61
N PRO C 65 2.89 19.11 -28.73
CA PRO C 65 3.91 20.16 -28.76
C PRO C 65 3.32 21.58 -28.78
N GLU C 66 2.00 21.71 -28.82
CA GLU C 66 1.37 23.02 -28.84
C GLU C 66 1.00 23.52 -27.44
N VAL C 67 0.54 22.62 -26.59
CA VAL C 67 0.24 22.94 -25.21
C VAL C 67 0.89 21.89 -24.31
N PHE C 68 1.93 22.30 -23.58
CA PHE C 68 2.70 21.33 -22.78
C PHE C 68 2.11 21.10 -21.40
N ASN C 69 1.81 19.82 -21.12
CA ASN C 69 1.25 19.42 -19.85
C ASN C 69 2.21 18.40 -19.23
N TYR C 70 2.90 18.77 -18.15
CA TYR C 70 4.01 17.95 -17.65
C TYR C 70 3.52 16.60 -17.13
N GLY C 71 2.49 16.59 -16.31
CA GLY C 71 1.99 15.34 -15.77
C GLY C 71 1.49 14.39 -16.84
N VAL C 72 0.77 14.91 -17.82
CA VAL C 72 0.23 14.07 -18.89
C VAL C 72 1.33 13.52 -19.78
N GLU C 73 2.26 14.39 -20.17
CA GLU C 73 3.34 13.98 -21.07
C GLU C 73 4.26 12.95 -20.40
N THR C 74 4.55 13.12 -19.12
CA THR C 74 5.42 12.17 -18.44
C THR C 74 4.70 10.85 -18.17
N HIS C 75 3.41 10.90 -17.88
CA HIS C 75 2.63 9.68 -17.76
C HIS C 75 2.74 8.85 -19.04
N GLU C 76 2.49 9.50 -20.18
CA GLU C 76 2.51 8.81 -21.46
C GLU C 76 3.93 8.35 -21.80
N ALA C 77 4.92 9.19 -21.55
CA ALA C 77 6.31 8.82 -21.79
C ALA C 77 6.73 7.63 -20.95
N TYR C 78 6.34 7.60 -19.68
CA TYR C 78 6.69 6.47 -18.84
C TYR C 78 6.17 5.16 -19.44
N LYS C 79 4.91 5.17 -19.85
CA LYS C 79 4.27 3.97 -20.37
C LYS C 79 4.88 3.50 -21.68
N GLN C 80 5.47 4.40 -22.46
CA GLN C 80 6.11 3.96 -23.71
C GLN C 80 7.65 4.03 -23.66
N ARG C 81 8.20 4.01 -22.46
CA ARG C 81 9.64 3.99 -22.28
C ARG C 81 10.33 5.10 -23.05
N SER C 82 9.83 6.33 -22.90
CA SER C 82 10.45 7.46 -23.57
C SER C 82 10.71 8.62 -22.59
N LEU C 83 11.05 8.28 -21.35
CA LEU C 83 11.53 9.28 -20.39
C LEU C 83 13.04 9.44 -20.50
N ALA C 84 13.51 10.61 -20.12
CA ALA C 84 14.95 10.85 -20.02
C ALA C 84 15.64 9.80 -19.16
N SER C 85 16.88 9.50 -19.51
CA SER C 85 17.64 8.45 -18.84
C SER C 85 17.91 8.73 -17.38
N ASP C 86 18.06 10.00 -17.00
CA ASP C 86 18.31 10.28 -15.60
C ASP C 86 17.12 9.85 -14.76
N ILE C 87 15.92 10.11 -15.26
CA ILE C 87 14.71 9.68 -14.55
C ILE C 87 14.61 8.18 -14.53
N THR C 88 14.80 7.53 -15.68
CA THR C 88 14.60 6.08 -15.67
C THR C 88 15.70 5.38 -14.88
N ASP C 89 16.91 5.92 -14.82
CA ASP C 89 17.93 5.36 -13.93
C ASP C 89 17.43 5.33 -12.49
N GLU C 90 16.80 6.42 -12.04
CA GLU C 90 16.32 6.47 -10.66
C GLU C 90 15.15 5.54 -10.46
N GLN C 91 14.27 5.46 -11.47
CA GLN C 91 13.11 4.58 -11.34
C GLN C 91 13.54 3.14 -11.17
N LYS C 92 14.62 2.72 -11.84
CA LYS C 92 15.11 1.37 -11.71
C LYS C 92 15.58 1.15 -10.28
N LYS C 93 16.26 2.13 -9.69
CA LYS C 93 16.74 2.00 -8.32
C LYS C 93 15.57 1.86 -7.35
N VAL C 94 14.54 2.68 -7.53
CA VAL C 94 13.36 2.58 -6.70
C VAL C 94 12.63 1.24 -6.89
N ARG C 95 12.46 0.84 -8.15
CA ARG C 95 11.81 -0.43 -8.47
C ARG C 95 12.47 -1.59 -7.74
N GLU C 96 13.80 -1.59 -7.71
CA GLU C 96 14.53 -2.66 -7.08
C GLU C 96 14.52 -2.58 -5.54
N ALA C 97 14.40 -1.38 -4.99
CA ALA C 97 14.56 -1.18 -3.56
C ALA C 97 13.38 -1.66 -2.75
N ASP C 98 13.68 -2.29 -1.62
CA ASP C 98 12.67 -2.62 -0.61
C ASP C 98 12.48 -1.49 0.38
N LEU C 99 13.54 -0.73 0.60
CA LEU C 99 13.54 0.40 1.52
C LEU C 99 14.28 1.55 0.85
N VAL C 100 13.68 2.73 0.89
CA VAL C 100 14.30 3.95 0.39
C VAL C 100 14.47 4.88 1.58
N ILE C 101 15.73 5.22 1.86
CA ILE C 101 16.08 6.16 2.90
C ILE C 101 16.44 7.49 2.24
N PHE C 102 15.82 8.58 2.68
CA PHE C 102 16.14 9.92 2.21
C PHE C 102 16.99 10.58 3.29
N GLN C 103 18.18 11.06 2.93
CA GLN C 103 19.07 11.69 3.90
C GLN C 103 19.27 13.13 3.45
N PHE C 104 18.81 14.08 4.24
CA PHE C 104 18.89 15.47 3.83
C PHE C 104 18.80 16.44 5.01
N PRO C 105 19.36 17.65 4.81
CA PRO C 105 19.08 18.77 5.72
C PRO C 105 17.76 19.40 5.36
N LEU C 106 17.02 19.82 6.40
CA LEU C 106 15.76 20.51 6.19
C LEU C 106 16.05 21.90 5.61
N TYR C 107 15.46 22.19 4.46
CA TYR C 107 15.51 23.53 3.87
C TYR C 107 14.09 24.04 3.77
N TRP C 108 13.79 25.14 4.45
CA TRP C 108 12.47 25.77 4.38
C TRP C 108 11.35 24.77 4.68
N PHE C 109 11.54 24.08 5.79
CA PHE C 109 10.56 23.13 6.32
C PHE C 109 10.26 22.01 5.32
N SER C 110 11.22 21.71 4.44
CA SER C 110 11.02 20.72 3.40
C SER C 110 12.39 20.17 2.96
N VAL C 111 12.37 19.46 1.84
CA VAL C 111 13.59 18.94 1.24
C VAL C 111 14.30 20.01 0.42
N PRO C 112 15.64 19.95 0.33
CA PRO C 112 16.34 20.80 -0.64
C PRO C 112 15.75 20.64 -2.04
N ALA C 113 15.79 21.70 -2.83
CA ALA C 113 15.18 21.67 -4.14
C ALA C 113 15.70 20.54 -5.03
N ILE C 114 16.98 20.16 -4.92
CA ILE C 114 17.48 19.09 -5.78
C ILE C 114 16.74 17.78 -5.49
N LEU C 115 16.41 17.55 -4.22
CA LEU C 115 15.65 16.37 -3.82
C LEU C 115 14.15 16.55 -4.12
N LYS C 116 13.63 17.76 -3.97
CA LYS C 116 12.27 18.01 -4.44
C LYS C 116 12.15 17.63 -5.92
N GLY C 117 13.16 18.00 -6.71
CA GLY C 117 13.13 17.65 -8.12
C GLY C 117 13.19 16.17 -8.40
N TRP C 118 13.97 15.44 -7.61
CA TRP C 118 13.94 13.98 -7.69
C TRP C 118 12.50 13.47 -7.44
N MET C 119 11.83 13.98 -6.41
CA MET C 119 10.47 13.55 -6.14
CA MET C 119 10.45 13.58 -6.12
C MET C 119 9.53 13.90 -7.30
N ASP C 120 9.61 15.14 -7.77
CA ASP C 120 8.76 15.62 -8.85
C ASP C 120 8.90 14.80 -10.13
N ARG C 121 10.15 14.49 -10.47
CA ARG C 121 10.46 13.87 -11.76
C ARG C 121 10.49 12.35 -11.76
N VAL C 122 10.99 11.76 -10.69
CA VAL C 122 11.14 10.31 -10.64
C VAL C 122 9.81 9.63 -10.29
N LEU C 123 9.05 10.19 -9.34
CA LEU C 123 7.80 9.55 -8.89
C LEU C 123 6.67 9.97 -9.82
N CYS C 124 6.74 9.53 -11.09
CA CYS C 124 5.78 10.01 -12.07
C CYS C 124 4.56 9.14 -12.15
N GLN C 125 3.53 9.70 -12.77
CA GLN C 125 2.30 8.98 -12.96
C GLN C 125 2.56 7.76 -13.84
N GLY C 126 1.94 6.63 -13.48
CA GLY C 126 2.17 5.38 -14.17
C GLY C 126 3.28 4.54 -13.57
N PHE C 127 4.24 5.20 -12.91
CA PHE C 127 5.32 4.52 -12.21
C PHE C 127 5.03 4.41 -10.71
N ALA C 128 4.76 5.56 -10.08
CA ALA C 128 4.60 5.60 -8.63
C ALA C 128 3.15 5.66 -8.17
N PHE C 129 2.26 6.17 -9.01
CA PHE C 129 0.86 6.32 -8.66
C PHE C 129 0.05 6.37 -9.95
N ASP C 130 -1.25 6.16 -9.85
CA ASP C 130 -2.21 6.46 -10.90
C ASP C 130 -3.22 7.45 -10.36
N ILE C 131 -4.00 8.08 -11.23
CA ILE C 131 -5.05 8.98 -10.77
C ILE C 131 -6.39 8.48 -11.30
N PRO C 132 -7.20 7.84 -10.44
CA PRO C 132 -6.87 7.42 -9.07
C PRO C 132 -5.96 6.18 -9.04
N GLY C 133 -5.51 5.82 -7.84
CA GLY C 133 -4.50 4.79 -7.66
C GLY C 133 -3.40 5.36 -6.78
N PHE C 134 -3.76 5.66 -5.54
CA PHE C 134 -2.85 6.29 -4.61
C PHE C 134 -3.18 5.84 -3.18
N TYR C 135 -2.31 6.17 -2.23
CA TYR C 135 -2.38 5.62 -0.89
C TYR C 135 -2.42 4.10 -1.01
N ASP C 136 -3.47 3.41 -0.55
CA ASP C 136 -3.46 1.95 -0.59
C ASP C 136 -3.45 1.38 -2.00
N SER C 137 -3.78 2.16 -3.02
CA SER C 137 -3.68 1.68 -4.38
C SER C 137 -2.53 2.38 -5.15
N GLY C 138 -1.61 3.02 -4.42
CA GLY C 138 -0.39 3.52 -5.06
C GLY C 138 0.44 2.36 -5.62
N LEU C 139 1.32 2.67 -6.56
CA LEU C 139 2.03 1.64 -7.30
C LEU C 139 3.31 1.15 -6.63
N LEU C 140 3.77 1.87 -5.61
CA LEU C 140 4.95 1.45 -4.86
C LEU C 140 4.57 0.69 -3.59
N GLN C 141 3.33 0.19 -3.57
CA GLN C 141 2.84 -0.66 -2.49
C GLN C 141 3.82 -1.77 -2.24
N GLY C 142 4.13 -1.98 -0.96
CA GLY C 142 5.05 -3.02 -0.55
C GLY C 142 6.41 -2.48 -0.14
N LYS C 143 6.75 -1.28 -0.60
CA LYS C 143 8.03 -0.68 -0.28
C LYS C 143 7.94 0.16 0.99
N LEU C 144 9.08 0.32 1.65
CA LEU C 144 9.21 1.16 2.83
C LEU C 144 10.03 2.39 2.52
N ALA C 145 9.75 3.48 3.22
CA ALA C 145 10.51 4.72 3.10
C ALA C 145 10.75 5.28 4.48
N LEU C 146 11.85 6.02 4.61
CA LEU C 146 12.26 6.58 5.88
C LEU C 146 12.94 7.93 5.61
N LEU C 147 12.50 8.98 6.30
CA LEU C 147 13.15 10.29 6.23
C LEU C 147 14.15 10.45 7.37
N SER C 148 15.41 10.65 7.00
CA SER C 148 16.48 10.97 7.94
C SER C 148 16.86 12.39 7.68
N VAL C 149 16.41 13.28 8.55
CA VAL C 149 16.49 14.70 8.32
C VAL C 149 17.22 15.35 9.46
N THR C 150 18.07 16.31 9.13
CA THR C 150 18.77 17.13 10.10
C THR C 150 18.15 18.54 10.08
N THR C 151 18.13 19.21 11.20
CA THR C 151 17.52 20.54 11.26
C THR C 151 18.47 21.58 11.82
N GLY C 152 18.20 22.83 11.54
CA GLY C 152 18.83 23.94 12.25
C GLY C 152 18.17 24.20 13.58
N GLY C 153 16.85 24.14 13.58
CA GLY C 153 16.07 24.41 14.78
C GLY C 153 16.17 23.28 15.79
N THR C 154 16.04 23.65 17.06
CA THR C 154 16.12 22.70 18.16
C THR C 154 14.79 21.98 18.38
N ALA C 155 14.83 20.90 19.14
CA ALA C 155 13.60 20.18 19.46
C ALA C 155 12.58 21.10 20.14
N GLU C 156 13.06 21.97 21.01
CA GLU C 156 12.23 22.93 21.73
C GLU C 156 11.50 23.88 20.77
N MET C 157 12.19 24.30 19.71
CA MET C 157 11.58 25.14 18.70
C MET C 157 10.53 24.36 17.93
N TYR C 158 10.77 23.07 17.75
CA TYR C 158 9.84 22.23 17.04
C TYR C 158 8.84 21.57 17.97
N THR C 159 8.14 22.41 18.72
CA THR C 159 7.01 21.97 19.53
C THR C 159 5.77 22.71 19.07
N LYS C 160 4.60 22.18 19.41
CA LYS C 160 3.33 22.76 18.99
C LYS C 160 3.20 24.25 19.29
N THR C 161 3.73 24.70 20.42
CA THR C 161 3.61 26.11 20.82
C THR C 161 4.95 26.84 20.70
N GLY C 162 5.98 26.12 20.24
CA GLY C 162 7.28 26.72 19.98
C GLY C 162 7.24 27.42 18.64
N VAL C 163 8.29 28.13 18.31
CA VAL C 163 8.23 29.03 17.16
C VAL C 163 8.07 28.27 15.83
N ASN C 164 8.55 27.03 15.75
CA ASN C 164 8.50 26.28 14.50
C ASN C 164 7.34 25.30 14.40
N GLY C 165 6.58 25.08 15.47
CA GLY C 165 5.55 24.06 15.44
C GLY C 165 6.13 22.66 15.59
N ASP C 166 5.26 21.70 15.84
CA ASP C 166 5.67 20.30 15.97
C ASP C 166 6.38 19.86 14.69
N SER C 167 7.46 19.10 14.84
CA SER C 167 8.16 18.59 13.66
C SER C 167 7.24 17.76 12.76
N ARG C 168 6.25 17.09 13.35
CA ARG C 168 5.35 16.28 12.54
C ARG C 168 4.61 17.14 11.53
N TYR C 169 4.44 18.43 11.82
CA TYR C 169 3.73 19.29 10.90
C TYR C 169 4.48 19.42 9.58
N PHE C 170 5.81 19.51 9.63
CA PHE C 170 6.55 19.62 8.38
C PHE C 170 6.70 18.25 7.71
N LEU C 171 6.54 17.18 8.46
CA LEU C 171 6.63 15.85 7.86
C LEU C 171 5.46 15.52 6.95
N TRP C 172 4.31 16.13 7.20
CA TRP C 172 3.07 15.76 6.49
C TRP C 172 3.17 15.76 4.96
N PRO C 173 3.66 16.84 4.33
CA PRO C 173 3.70 16.83 2.87
C PRO C 173 4.62 15.74 2.29
N LEU C 174 5.66 15.41 3.06
CA LEU C 174 6.64 14.41 2.64
C LEU C 174 6.16 12.99 2.92
N GLN C 175 5.88 12.70 4.18
CA GLN C 175 5.43 11.35 4.57
C GLN C 175 4.08 10.98 3.95
N HIS C 176 3.10 11.87 4.07
CA HIS C 176 1.75 11.57 3.62
C HIS C 176 1.53 11.95 2.15
N GLY C 177 1.75 13.20 1.83
CA GLY C 177 1.40 13.72 0.52
C GLY C 177 2.25 13.15 -0.59
N THR C 178 3.45 12.68 -0.24
CA THR C 178 4.38 12.13 -1.23
C THR C 178 4.54 10.60 -1.08
N LEU C 179 5.11 10.17 0.03
CA LEU C 179 5.49 8.78 0.15
C LEU C 179 4.27 7.84 0.29
N HIS C 180 3.41 8.09 1.25
CA HIS C 180 2.20 7.30 1.42
C HIS C 180 1.34 7.37 0.17
N PHE C 181 1.25 8.56 -0.46
CA PHE C 181 0.46 8.72 -1.67
C PHE C 181 0.88 7.71 -2.74
N CYS C 182 2.18 7.49 -2.87
CA CYS C 182 2.70 6.52 -3.83
C CYS C 182 2.61 5.07 -3.41
N GLY C 183 2.10 4.83 -2.21
CA GLY C 183 1.91 3.48 -1.72
C GLY C 183 3.02 2.96 -0.82
N PHE C 184 4.06 3.77 -0.56
CA PHE C 184 5.02 3.37 0.46
C PHE C 184 4.29 3.24 1.80
N LYS C 185 4.83 2.41 2.66
CA LYS C 185 4.61 2.60 4.08
C LYS C 185 5.83 3.28 4.66
N VAL C 186 5.60 4.03 5.72
CA VAL C 186 6.56 4.99 6.21
C VAL C 186 7.08 4.53 7.56
N LEU C 187 8.38 4.30 7.67
CA LEU C 187 9.01 4.05 8.96
C LEU C 187 9.13 5.37 9.71
N ALA C 188 9.22 5.32 11.04
CA ALA C 188 9.28 6.55 11.81
C ALA C 188 10.46 7.41 11.35
N PRO C 189 10.27 8.73 11.36
CA PRO C 189 11.35 9.61 10.91
C PRO C 189 12.54 9.55 11.85
N GLN C 190 13.73 9.75 11.31
CA GLN C 190 14.92 9.91 12.13
C GLN C 190 15.28 11.39 12.04
N ILE C 191 14.99 12.16 13.08
CA ILE C 191 15.28 13.58 13.06
C ILE C 191 16.42 13.85 14.00
N SER C 192 17.51 14.39 13.43
CA SER C 192 18.66 14.80 14.20
C SER C 192 18.56 16.31 14.36
N PHE C 193 18.16 16.76 15.55
CA PHE C 193 17.89 18.17 15.78
C PHE C 193 19.14 19.02 16.02
N ALA C 194 19.30 20.08 15.25
CA ALA C 194 20.28 21.13 15.55
C ALA C 194 21.70 20.63 15.82
N PRO C 195 22.23 19.77 14.95
CA PRO C 195 23.61 19.34 15.22
C PRO C 195 24.63 20.48 15.17
N GLU C 196 24.33 21.54 14.42
CA GLU C 196 25.27 22.66 14.28
C GLU C 196 25.46 23.44 15.56
N ILE C 197 24.57 23.26 16.54
CA ILE C 197 24.76 23.96 17.81
C ILE C 197 24.88 22.98 18.99
N ALA C 198 24.71 21.69 18.72
CA ALA C 198 24.80 20.68 19.77
C ALA C 198 26.27 20.49 20.18
N SER C 199 26.48 20.04 21.42
CA SER C 199 27.84 19.72 21.85
C SER C 199 28.38 18.54 21.07
N GLU C 200 29.69 18.37 21.09
CA GLU C 200 30.32 17.29 20.35
C GLU C 200 29.74 15.94 20.76
N GLU C 201 29.55 15.75 22.05
CA GLU C 201 29.02 14.49 22.55
C GLU C 201 27.55 14.30 22.21
N GLU C 202 26.81 15.40 22.12
CA GLU C 202 25.43 15.31 21.66
C GLU C 202 25.42 14.88 20.20
N ARG C 203 26.31 15.45 19.39
CA ARG C 203 26.39 15.05 17.98
C ARG C 203 26.76 13.58 17.87
N LYS C 204 27.74 13.13 18.64
CA LYS C 204 28.13 11.72 18.62
C LYS C 204 26.96 10.84 19.05
N GLY C 205 26.19 11.30 20.02
CA GLY C 205 25.01 10.59 20.47
C GLY C 205 23.97 10.47 19.37
N MET C 206 23.81 11.50 18.54
CA MET C 206 22.84 11.42 17.45
C MET C 206 23.27 10.43 16.38
N VAL C 207 24.56 10.42 16.08
CA VAL C 207 25.09 9.43 15.15
C VAL C 207 24.94 8.01 15.73
N ALA C 208 25.28 7.84 17.00
CA ALA C 208 25.16 6.53 17.64
C ALA C 208 23.71 6.04 17.66
N ALA C 209 22.78 6.97 17.86
CA ALA C 209 21.36 6.61 17.86
C ALA C 209 20.92 6.05 16.50
N TRP C 210 21.41 6.66 15.43
CA TRP C 210 21.07 6.22 14.09
C TRP C 210 21.72 4.86 13.80
N SER C 211 22.99 4.71 14.15
CA SER C 211 23.66 3.42 14.04
C SER C 211 22.88 2.33 14.76
N GLN C 212 22.48 2.60 16.00
CA GLN C 212 21.79 1.59 16.81
C GLN C 212 20.46 1.23 16.14
N ARG C 213 19.72 2.22 15.70
CA ARG C 213 18.44 1.99 15.07
C ARG C 213 18.57 1.10 13.86
N LEU C 214 19.59 1.33 13.06
CA LEU C 214 19.77 0.57 11.84
C LEU C 214 19.98 -0.91 12.05
N GLN C 215 20.44 -1.30 13.24
CA GLN C 215 20.71 -2.71 13.51
CA GLN C 215 20.70 -2.70 13.52
C GLN C 215 19.43 -3.55 13.42
N THR C 216 18.28 -2.94 13.68
CA THR C 216 17.01 -3.67 13.67
C THR C 216 15.96 -3.02 12.78
N ILE C 217 16.41 -2.27 11.79
CA ILE C 217 15.50 -1.52 10.93
C ILE C 217 14.45 -2.42 10.24
N TRP C 218 14.83 -3.64 9.88
CA TRP C 218 13.92 -4.52 9.16
C TRP C 218 12.83 -5.14 10.02
N LYS C 219 12.95 -5.01 11.34
CA LYS C 219 11.93 -5.51 12.24
C LYS C 219 10.91 -4.45 12.60
N GLU C 220 11.11 -3.22 12.13
CA GLU C 220 10.18 -2.15 12.48
C GLU C 220 8.84 -2.23 11.77
N GLU C 221 7.82 -1.85 12.49
CA GLU C 221 6.52 -1.62 11.88
C GLU C 221 6.45 -0.19 11.35
N PRO C 222 5.73 0.02 10.25
CA PRO C 222 5.53 1.39 9.78
C PRO C 222 4.64 2.18 10.73
N ILE C 223 4.71 3.51 10.66
CA ILE C 223 3.77 4.36 11.39
C ILE C 223 2.42 4.35 10.72
N PRO C 224 1.35 4.65 11.48
CA PRO C 224 0.07 4.93 10.83
C PRO C 224 0.14 6.33 10.24
N CYS C 225 0.29 6.42 8.92
CA CYS C 225 0.55 7.70 8.26
C CYS C 225 -0.76 8.43 7.97
N THR C 226 -1.30 8.99 9.06
CA THR C 226 -2.62 9.60 9.06
C THR C 226 -2.54 11.01 9.61
N ALA C 227 -3.60 11.77 9.38
CA ALA C 227 -3.70 13.10 9.94
C ALA C 227 -3.60 13.04 11.46
N HIS C 228 -4.22 12.02 12.06
CA HIS C 228 -4.15 11.91 13.51
C HIS C 228 -2.71 11.75 13.99
N TRP C 229 -1.92 10.94 13.31
CA TRP C 229 -0.53 10.75 13.75
C TRP C 229 0.22 12.08 13.67
N HIS C 230 -0.02 12.85 12.62
CA HIS C 230 0.73 14.08 12.40
C HIS C 230 0.22 15.26 13.22
N PHE C 231 -1.09 15.29 13.51
CA PHE C 231 -1.70 16.49 14.09
C PHE C 231 -2.44 16.27 15.40
N GLY C 232 -2.69 15.01 15.73
CA GLY C 232 -3.40 14.68 16.95
C GLY C 232 -2.45 14.47 18.11
N GLN C 233 -2.82 13.57 19.01
CA GLN C 233 -1.99 13.22 20.15
C GLN C 233 -2.26 11.79 20.60
N GLY D 1 -6.21 54.36 -12.44
CA GLY D 1 -6.31 53.55 -11.19
C GLY D 1 -5.83 54.33 -9.98
N ALA D 2 -6.07 53.81 -8.78
CA ALA D 2 -5.76 54.55 -7.57
C ALA D 2 -4.49 54.08 -6.86
N MET D 3 -3.87 53.01 -7.33
CA MET D 3 -2.76 52.42 -6.59
C MET D 3 -1.37 52.60 -7.21
N ALA D 4 -1.16 53.67 -7.97
CA ALA D 4 0.19 53.97 -8.45
C ALA D 4 1.14 54.01 -7.25
N GLY D 5 2.33 53.44 -7.44
CA GLY D 5 3.34 53.42 -6.41
C GLY D 5 3.45 52.05 -5.76
N LYS D 6 2.37 51.26 -5.79
CA LYS D 6 2.47 49.90 -5.28
C LYS D 6 3.22 49.02 -6.27
N LYS D 7 4.11 48.20 -5.74
CA LYS D 7 4.94 47.32 -6.56
C LYS D 7 4.66 45.87 -6.21
N VAL D 8 4.43 45.09 -7.24
CA VAL D 8 4.14 43.68 -7.06
C VAL D 8 5.14 42.84 -7.84
N LEU D 9 5.61 41.76 -7.22
CA LEU D 9 6.42 40.73 -7.87
C LEU D 9 5.57 39.47 -7.91
N ILE D 10 5.45 38.86 -9.07
CA ILE D 10 4.82 37.56 -9.20
C ILE D 10 5.90 36.55 -9.55
N VAL D 11 6.10 35.59 -8.66
CA VAL D 11 7.02 34.49 -8.91
C VAL D 11 6.19 33.34 -9.45
N TYR D 12 6.40 33.02 -10.73
CA TYR D 12 5.49 32.19 -11.50
C TYR D 12 6.22 30.90 -11.93
N ALA D 13 5.59 29.77 -11.65
CA ALA D 13 6.21 28.46 -11.92
C ALA D 13 5.32 27.50 -12.70
N HIS D 14 5.16 27.77 -14.01
CA HIS D 14 4.47 26.84 -14.87
C HIS D 14 5.11 26.88 -16.24
N GLN D 15 5.22 25.73 -16.86
CA GLN D 15 5.92 25.59 -18.14
C GLN D 15 5.12 26.08 -19.34
N GLU D 16 3.82 26.31 -19.18
CA GLU D 16 2.93 26.47 -20.33
C GLU D 16 2.06 27.72 -20.20
N PRO D 17 2.24 28.70 -21.11
CA PRO D 17 1.49 29.97 -20.97
C PRO D 17 -0.02 29.82 -21.09
N LYS D 18 -0.49 28.79 -21.81
CA LYS D 18 -1.91 28.56 -22.00
C LYS D 18 -2.55 27.77 -20.85
N SER D 19 -1.73 27.41 -19.86
CA SER D 19 -2.22 26.65 -18.72
C SER D 19 -3.16 27.48 -17.84
N PHE D 20 -3.86 26.80 -16.94
CA PHE D 20 -4.68 27.50 -15.96
C PHE D 20 -3.81 28.44 -15.11
N ASN D 21 -2.64 27.98 -14.72
CA ASN D 21 -1.69 28.84 -14.01
C ASN D 21 -1.32 30.07 -14.84
N GLY D 22 -1.05 29.87 -16.13
CA GLY D 22 -0.73 30.98 -17.01
C GLY D 22 -1.85 31.98 -17.05
N SER D 23 -3.09 31.49 -17.07
CA SER D 23 -4.25 32.37 -17.07
C SER D 23 -4.37 33.16 -15.78
N LEU D 24 -4.13 32.51 -14.64
CA LEU D 24 -4.17 33.21 -13.37
C LEU D 24 -3.06 34.26 -13.28
N LYS D 25 -1.89 33.96 -13.82
CA LYS D 25 -0.80 34.91 -13.82
C LYS D 25 -1.17 36.13 -14.66
N ASN D 26 -1.74 35.88 -15.85
CA ASN D 26 -2.08 36.96 -16.76
C ASN D 26 -3.17 37.86 -16.19
N VAL D 27 -4.17 37.27 -15.54
CA VAL D 27 -5.23 38.04 -14.92
C VAL D 27 -4.68 38.93 -13.79
N ALA D 28 -3.71 38.42 -13.05
CA ALA D 28 -3.10 39.20 -12.00
C ALA D 28 -2.34 40.39 -12.60
N VAL D 29 -1.51 40.12 -13.60
CA VAL D 29 -0.81 41.22 -14.25
C VAL D 29 -1.82 42.27 -14.74
N ASP D 30 -2.86 41.82 -15.42
CA ASP D 30 -3.85 42.72 -16.01
C ASP D 30 -4.53 43.57 -14.96
N GLU D 31 -5.02 42.95 -13.89
CA GLU D 31 -5.82 43.65 -12.91
C GLU D 31 -4.94 44.59 -12.07
N LEU D 32 -3.75 44.13 -11.70
CA LEU D 32 -2.86 44.98 -10.92
C LEU D 32 -2.38 46.16 -11.74
N SER D 33 -2.02 45.91 -12.98
CA SER D 33 -1.62 46.97 -13.90
C SER D 33 -2.77 47.99 -14.07
N ARG D 34 -4.00 47.51 -14.15
CA ARG D 34 -5.16 48.41 -14.29
C ARG D 34 -5.30 49.37 -13.12
N GLN D 35 -4.97 48.91 -11.92
CA GLN D 35 -5.03 49.74 -10.73
C GLN D 35 -3.90 50.76 -10.70
N GLY D 36 -2.98 50.68 -11.65
CA GLY D 36 -1.87 51.60 -11.71
C GLY D 36 -0.58 51.06 -11.12
N CYS D 37 -0.63 49.81 -10.65
CA CYS D 37 0.51 49.19 -9.97
C CYS D 37 1.65 48.88 -10.93
N THR D 38 2.84 48.83 -10.36
CA THR D 38 4.03 48.38 -11.06
C THR D 38 4.15 46.88 -10.85
N VAL D 39 4.37 46.14 -11.92
CA VAL D 39 4.37 44.68 -11.87
C VAL D 39 5.61 44.10 -12.52
N THR D 40 6.23 43.16 -11.80
CA THR D 40 7.36 42.39 -12.29
C THR D 40 7.01 40.91 -12.15
N VAL D 41 7.35 40.11 -13.14
CA VAL D 41 7.14 38.66 -13.12
C VAL D 41 8.46 37.94 -13.29
N SER D 42 8.75 37.02 -12.37
CA SER D 42 9.83 36.05 -12.53
C SER D 42 9.23 34.75 -13.02
N ASP D 43 9.28 34.58 -14.34
CA ASP D 43 8.78 33.40 -15.02
C ASP D 43 9.87 32.35 -14.98
N LEU D 44 9.86 31.51 -13.93
CA LEU D 44 11.03 30.72 -13.59
C LEU D 44 11.41 29.74 -14.70
N TYR D 45 10.44 29.09 -15.33
CA TYR D 45 10.80 28.17 -16.40
C TYR D 45 11.35 28.94 -17.62
N ALA D 46 10.78 30.09 -17.93
CA ALA D 46 11.25 30.90 -19.07
C ALA D 46 12.69 31.34 -18.81
N MET D 47 13.01 31.60 -17.55
CA MET D 47 14.34 32.01 -17.10
C MET D 47 15.33 30.84 -17.00
N ASN D 48 14.82 29.62 -17.15
CA ASN D 48 15.62 28.43 -16.85
C ASN D 48 16.28 28.54 -15.47
N PHE D 49 15.50 28.98 -14.49
CA PHE D 49 16.06 29.32 -13.19
C PHE D 49 16.78 28.14 -12.52
N GLU D 50 17.98 28.38 -12.01
CA GLU D 50 18.79 27.33 -11.39
C GLU D 50 18.24 26.99 -10.00
N PRO D 51 17.86 25.71 -9.77
CA PRO D 51 17.28 25.42 -8.44
C PRO D 51 18.25 24.89 -7.42
N ARG D 52 19.42 24.42 -7.84
CA ARG D 52 20.32 23.74 -6.94
C ARG D 52 21.14 24.68 -6.08
N ALA D 53 21.26 24.35 -4.79
CA ALA D 53 22.09 25.13 -3.87
C ALA D 53 23.50 24.56 -3.93
N THR D 54 24.38 25.22 -4.69
CA THR D 54 25.74 24.72 -4.84
C THR D 54 26.78 25.80 -4.61
N ASP D 55 28.03 25.37 -4.56
CA ASP D 55 29.16 26.28 -4.40
C ASP D 55 29.32 27.23 -5.60
N LYS D 56 28.63 26.96 -6.70
CA LYS D 56 28.67 27.87 -7.84
C LYS D 56 27.92 29.17 -7.52
N ASP D 57 27.17 29.18 -6.41
CA ASP D 57 26.41 30.35 -6.03
C ASP D 57 27.26 31.45 -5.39
N ILE D 58 28.51 31.14 -5.12
CA ILE D 58 29.48 32.13 -4.65
C ILE D 58 30.60 32.35 -5.67
N THR D 59 30.88 33.63 -5.97
CA THR D 59 32.05 34.04 -6.78
C THR D 59 33.09 34.74 -5.91
N GLY D 60 34.18 34.07 -5.62
CA GLY D 60 35.19 34.65 -4.75
C GLY D 60 35.70 33.63 -3.76
N THR D 61 36.68 34.05 -2.98
CA THR D 61 37.35 33.16 -2.04
C THR D 61 36.37 32.75 -0.96
N LEU D 62 36.23 31.44 -0.78
CA LEU D 62 35.34 30.90 0.23
C LEU D 62 35.93 31.09 1.62
N SER D 63 35.06 31.12 2.62
CA SER D 63 35.49 31.25 4.00
C SER D 63 36.25 30.01 4.42
N ASN D 64 35.75 28.86 3.98
CA ASN D 64 36.40 27.58 4.21
C ASN D 64 36.27 26.72 2.97
N PRO D 65 37.32 26.68 2.14
CA PRO D 65 37.20 25.93 0.89
C PRO D 65 37.52 24.46 1.03
N GLU D 66 37.72 23.99 2.27
CA GLU D 66 37.98 22.57 2.49
C GLU D 66 36.68 21.85 2.88
N VAL D 67 35.84 22.53 3.66
CA VAL D 67 34.54 21.98 4.08
C VAL D 67 33.44 22.98 3.73
N PHE D 68 32.62 22.65 2.74
CA PHE D 68 31.65 23.57 2.18
C PHE D 68 30.34 23.58 2.96
N ASN D 69 29.96 24.74 3.45
CA ASN D 69 28.71 24.92 4.18
C ASN D 69 27.88 25.98 3.45
N TYR D 70 26.82 25.55 2.78
CA TYR D 70 26.09 26.44 1.86
C TYR D 70 25.55 27.69 2.57
N GLY D 71 24.91 27.50 3.72
CA GLY D 71 24.37 28.62 4.48
C GLY D 71 25.42 29.64 4.88
N VAL D 72 26.53 29.16 5.41
CA VAL D 72 27.60 30.03 5.86
C VAL D 72 28.20 30.79 4.68
N GLU D 73 28.47 30.08 3.59
CA GLU D 73 29.18 30.70 2.48
C GLU D 73 28.28 31.70 1.76
N THR D 74 26.98 31.39 1.61
CA THR D 74 26.10 32.34 0.97
C THR D 74 25.84 33.55 1.84
N HIS D 75 25.81 33.35 3.15
CA HIS D 75 25.66 34.47 4.06
C HIS D 75 26.80 35.46 3.88
N GLU D 76 28.03 34.96 3.84
CA GLU D 76 29.18 35.83 3.63
C GLU D 76 29.18 36.42 2.22
N ALA D 77 28.82 35.63 1.23
CA ALA D 77 28.81 36.13 -0.14
C ALA D 77 27.78 37.25 -0.29
N TYR D 78 26.67 37.17 0.43
CA TYR D 78 25.69 38.23 0.38
C TYR D 78 26.32 39.55 0.86
N LYS D 79 27.03 39.50 1.99
CA LYS D 79 27.66 40.68 2.55
C LYS D 79 28.72 41.27 1.61
N GLN D 80 29.45 40.39 0.92
CA GLN D 80 30.49 40.80 -0.02
C GLN D 80 29.97 41.21 -1.40
N ARG D 81 28.69 40.98 -1.67
CA ARG D 81 28.11 41.19 -2.99
C ARG D 81 28.69 40.27 -4.02
N SER D 82 28.90 39.01 -3.66
CA SER D 82 29.52 38.06 -4.55
C SER D 82 28.67 36.80 -4.75
N LEU D 83 27.37 36.92 -4.54
CA LEU D 83 26.46 35.85 -4.91
C LEU D 83 26.25 35.84 -6.41
N ALA D 84 25.91 34.67 -6.93
CA ALA D 84 25.54 34.53 -8.33
C ALA D 84 24.56 35.62 -8.72
N SER D 85 24.68 36.11 -9.95
CA SER D 85 23.85 37.21 -10.38
C SER D 85 22.35 36.87 -10.45
N ASP D 86 22.02 35.61 -10.72
CA ASP D 86 20.60 35.25 -10.77
C ASP D 86 19.96 35.47 -9.41
N ILE D 87 20.68 35.11 -8.36
CA ILE D 87 20.18 35.32 -7.00
C ILE D 87 20.03 36.82 -6.70
N THR D 88 21.07 37.59 -6.99
CA THR D 88 21.01 39.00 -6.68
C THR D 88 19.95 39.72 -7.49
N ASP D 89 19.71 39.29 -8.73
CA ASP D 89 18.63 39.87 -9.54
C ASP D 89 17.27 39.66 -8.88
N GLU D 90 17.03 38.44 -8.38
CA GLU D 90 15.78 38.15 -7.67
C GLU D 90 15.67 38.94 -6.38
N GLN D 91 16.78 39.06 -5.64
CA GLN D 91 16.75 39.79 -4.38
C GLN D 91 16.35 41.24 -4.61
N LYS D 92 16.83 41.83 -5.70
CA LYS D 92 16.47 43.20 -6.05
C LYS D 92 14.97 43.32 -6.28
N LYS D 93 14.39 42.35 -6.98
CA LYS D 93 12.95 42.34 -7.24
C LYS D 93 12.16 42.24 -5.95
N VAL D 94 12.60 41.36 -5.05
CA VAL D 94 11.92 41.18 -3.77
C VAL D 94 12.02 42.46 -2.91
N ARG D 95 13.21 43.04 -2.89
CA ARG D 95 13.44 44.25 -2.09
C ARG D 95 12.50 45.38 -2.53
N GLU D 96 12.29 45.49 -3.84
CA GLU D 96 11.44 46.54 -4.36
C GLU D 96 9.95 46.29 -4.11
N ALA D 97 9.56 45.02 -4.05
CA ALA D 97 8.14 44.68 -4.00
C ALA D 97 7.48 44.97 -2.66
N ASP D 98 6.24 45.46 -2.74
CA ASP D 98 5.37 45.57 -1.57
C ASP D 98 4.60 44.28 -1.33
N LEU D 99 4.33 43.55 -2.41
CA LEU D 99 3.56 42.30 -2.38
C LEU D 99 4.25 41.32 -3.30
N VAL D 100 4.49 40.11 -2.80
CA VAL D 100 5.01 39.01 -3.61
C VAL D 100 3.92 37.94 -3.73
N ILE D 101 3.45 37.70 -4.94
CA ILE D 101 2.47 36.64 -5.21
C ILE D 101 3.24 35.45 -5.82
N PHE D 102 3.00 34.25 -5.30
CA PHE D 102 3.57 33.02 -5.87
C PHE D 102 2.46 32.29 -6.61
N GLN D 103 2.66 32.07 -7.90
CA GLN D 103 1.66 31.39 -8.73
C GLN D 103 2.21 30.05 -9.18
N PHE D 104 1.62 28.96 -8.71
CA PHE D 104 2.17 27.64 -9.01
C PHE D 104 1.13 26.55 -8.87
N PRO D 105 1.35 25.45 -9.60
CA PRO D 105 0.61 24.21 -9.33
C PRO D 105 1.24 23.47 -8.16
N LEU D 106 0.40 22.85 -7.34
CA LEU D 106 0.87 22.04 -6.23
C LEU D 106 1.53 20.79 -6.78
N TYR D 107 2.79 20.59 -6.42
CA TYR D 107 3.55 19.38 -6.73
C TYR D 107 3.93 18.74 -5.41
N TRP D 108 3.40 17.54 -5.16
CA TRP D 108 3.73 16.81 -3.95
C TRP D 108 3.49 17.65 -2.69
N PHE D 109 2.28 18.19 -2.60
CA PHE D 109 1.84 18.97 -1.43
C PHE D 109 2.76 20.18 -1.19
N SER D 110 3.44 20.67 -2.24
CA SER D 110 4.40 21.75 -2.08
C SER D 110 4.57 22.49 -3.42
N VAL D 111 5.61 23.29 -3.51
CA VAL D 111 5.96 24.02 -4.72
C VAL D 111 6.76 23.12 -5.67
N PRO D 112 6.64 23.37 -6.98
CA PRO D 112 7.53 22.69 -7.94
C PRO D 112 8.96 22.97 -7.56
N ALA D 113 9.83 22.01 -7.85
CA ALA D 113 11.24 22.16 -7.46
C ALA D 113 11.90 23.44 -7.96
N ILE D 114 11.53 23.92 -9.14
CA ILE D 114 12.17 25.15 -9.62
C ILE D 114 11.89 26.34 -8.69
N LEU D 115 10.67 26.37 -8.17
CA LEU D 115 10.28 27.39 -7.19
C LEU D 115 10.87 27.09 -5.82
N LYS D 116 10.98 25.82 -5.42
CA LYS D 116 11.67 25.50 -4.18
C LYS D 116 13.10 26.03 -4.24
N GLY D 117 13.74 25.94 -5.41
CA GLY D 117 15.09 26.43 -5.58
C GLY D 117 15.18 27.93 -5.46
N TRP D 118 14.19 28.63 -5.98
CA TRP D 118 14.12 30.07 -5.79
C TRP D 118 14.07 30.38 -4.28
N MET D 119 13.25 29.66 -3.52
CA MET D 119 13.18 29.90 -2.10
CA MET D 119 13.18 29.87 -2.07
C MET D 119 14.54 29.60 -1.43
N ASP D 120 15.11 28.45 -1.75
CA ASP D 120 16.35 28.04 -1.12
C ASP D 120 17.51 29.02 -1.38
N ARG D 121 17.57 29.55 -2.60
CA ARG D 121 18.74 30.32 -3.06
C ARG D 121 18.56 31.82 -2.91
N VAL D 122 17.34 32.31 -3.11
CA VAL D 122 17.08 33.76 -3.08
C VAL D 122 16.96 34.23 -1.64
N LEU D 123 16.28 33.46 -0.81
CA LEU D 123 15.98 33.91 0.55
C LEU D 123 17.13 33.59 1.48
N CYS D 124 18.30 34.15 1.19
CA CYS D 124 19.48 33.73 1.90
C CYS D 124 19.68 34.49 3.21
N GLN D 125 20.51 33.92 4.06
CA GLN D 125 20.85 34.57 5.30
C GLN D 125 21.53 35.91 5.03
N GLY D 126 21.14 36.94 5.76
CA GLY D 126 21.63 38.28 5.54
C GLY D 126 20.71 39.13 4.68
N PHE D 127 19.97 38.49 3.77
CA PHE D 127 19.00 39.16 2.95
C PHE D 127 17.58 39.02 3.50
N ALA D 128 17.17 37.78 3.74
CA ALA D 128 15.78 37.50 4.11
C ALA D 128 15.58 37.24 5.60
N PHE D 129 16.61 36.75 6.26
CA PHE D 129 16.55 36.45 7.68
C PHE D 129 17.96 36.48 8.21
N ASP D 130 18.06 36.55 9.52
CA ASP D 130 19.31 36.34 10.21
C ASP D 130 19.04 35.30 11.29
N ILE D 131 20.09 34.74 11.86
CA ILE D 131 19.96 33.85 13.00
C ILE D 131 20.76 34.43 14.17
N PRO D 132 20.07 35.08 15.13
CA PRO D 132 18.62 35.29 15.17
C PRO D 132 18.22 36.42 14.25
N GLY D 133 16.91 36.63 14.08
CA GLY D 133 16.38 37.66 13.20
C GLY D 133 15.43 37.03 12.20
N PHE D 134 14.37 36.42 12.73
CA PHE D 134 13.42 35.68 11.91
C PHE D 134 12.01 35.79 12.50
N TYR D 135 11.05 35.22 11.81
CA TYR D 135 9.63 35.40 12.10
C TYR D 135 9.34 36.88 12.20
N ASP D 136 8.80 37.38 13.31
CA ASP D 136 8.41 38.79 13.32
C ASP D 136 9.64 39.71 13.27
N SER D 137 10.83 39.16 13.47
CA SER D 137 12.05 39.95 13.33
C SER D 137 12.79 39.66 12.01
N GLY D 138 12.11 38.99 11.07
CA GLY D 138 12.72 38.69 9.79
C GLY D 138 13.00 39.96 8.99
N LEU D 139 13.89 39.87 8.01
CA LEU D 139 14.40 41.06 7.33
C LEU D 139 13.45 41.61 6.25
N LEU D 140 12.43 40.83 5.88
CA LEU D 140 11.47 41.28 4.89
C LEU D 140 10.17 41.76 5.53
N GLN D 141 10.25 42.14 6.81
CA GLN D 141 9.09 42.76 7.44
C GLN D 141 8.65 44.00 6.67
N GLY D 142 7.34 44.23 6.70
CA GLY D 142 6.74 45.33 5.98
C GLY D 142 6.23 44.90 4.62
N LYS D 143 6.58 43.69 4.18
CA LYS D 143 6.12 43.16 2.89
C LYS D 143 5.00 42.15 3.08
N LEU D 144 4.21 41.96 2.05
CA LEU D 144 3.12 41.00 2.04
C LEU D 144 3.44 39.91 1.05
N ALA D 145 2.95 38.71 1.32
CA ALA D 145 3.08 37.59 0.40
C ALA D 145 1.75 36.85 0.29
N LEU D 146 1.53 36.23 -0.86
CA LEU D 146 0.28 35.54 -1.11
C LEU D 146 0.56 34.34 -2.00
N LEU D 147 0.08 33.17 -1.59
CA LEU D 147 0.19 31.96 -2.40
C LEU D 147 -1.06 31.76 -3.24
N SER D 148 -0.91 31.74 -4.56
CA SER D 148 -1.96 31.38 -5.50
C SER D 148 -1.62 30.03 -6.11
N VAL D 149 -2.35 29.03 -5.63
CA VAL D 149 -2.03 27.63 -5.83
C VAL D 149 -3.14 26.96 -6.57
N THR D 150 -2.81 26.13 -7.55
CA THR D 150 -3.79 25.26 -8.18
C THR D 150 -3.52 23.80 -7.78
N THR D 151 -4.56 22.99 -7.72
CA THR D 151 -4.39 21.60 -7.28
C THR D 151 -4.98 20.60 -8.28
N GLY D 152 -4.51 19.35 -8.21
CA GLY D 152 -5.19 18.22 -8.84
C GLY D 152 -6.36 17.76 -7.99
N GLY D 153 -6.13 17.72 -6.67
CA GLY D 153 -7.11 17.22 -5.73
C GLY D 153 -8.27 18.19 -5.53
N THR D 154 -9.42 17.65 -5.19
CA THR D 154 -10.62 18.46 -4.97
C THR D 154 -10.62 19.15 -3.61
N ALA D 155 -11.49 20.16 -3.47
CA ALA D 155 -11.61 20.82 -2.19
C ALA D 155 -11.97 19.83 -1.09
N GLU D 156 -12.86 18.88 -1.42
CA GLU D 156 -13.27 17.85 -0.46
C GLU D 156 -12.10 16.98 0.02
N MET D 157 -11.20 16.64 -0.90
CA MET D 157 -10.02 15.87 -0.51
C MET D 157 -9.16 16.65 0.47
N TYR D 158 -9.15 17.97 0.32
CA TYR D 158 -8.33 18.84 1.16
C TYR D 158 -9.12 19.41 2.35
N THR D 159 -9.77 18.52 3.10
CA THR D 159 -10.44 18.89 4.34
C THR D 159 -9.83 18.08 5.47
N LYS D 160 -10.03 18.55 6.70
CA LYS D 160 -9.46 17.90 7.87
C LYS D 160 -9.72 16.40 7.90
N THR D 161 -10.93 16.00 7.54
CA THR D 161 -11.30 14.59 7.59
C THR D 161 -11.25 13.93 6.21
N GLY D 162 -10.85 14.72 5.19
CA GLY D 162 -10.65 14.22 3.84
C GLY D 162 -9.31 13.53 3.66
N VAL D 163 -9.16 12.82 2.56
CA VAL D 163 -8.03 11.93 2.40
C VAL D 163 -6.67 12.67 2.36
N ASN D 164 -6.66 13.92 1.91
CA ASN D 164 -5.42 14.68 1.82
C ASN D 164 -5.22 15.62 3.00
N GLY D 165 -6.15 15.64 3.96
CA GLY D 165 -6.06 16.57 5.07
C GLY D 165 -6.39 17.99 4.65
N ASP D 166 -6.53 18.89 5.61
CA ASP D 166 -6.91 20.23 5.30
C ASP D 166 -5.87 20.93 4.44
N SER D 167 -6.32 21.79 3.53
CA SER D 167 -5.41 22.56 2.69
C SER D 167 -4.43 23.35 3.53
N ARG D 168 -4.86 23.82 4.70
CA ARG D 168 -3.99 24.63 5.52
C ARG D 168 -2.77 23.83 5.96
N TYR D 169 -2.90 22.51 6.02
CA TYR D 169 -1.78 21.69 6.46
C TYR D 169 -0.62 21.80 5.46
N PHE D 170 -0.91 21.81 4.16
CA PHE D 170 0.19 21.90 3.19
C PHE D 170 0.68 23.33 3.05
N LEU D 171 -0.10 24.32 3.49
CA LEU D 171 0.39 25.68 3.46
C LEU D 171 1.47 25.93 4.49
N TRP D 172 1.49 25.18 5.58
CA TRP D 172 2.35 25.48 6.71
C TRP D 172 3.85 25.70 6.38
N PRO D 173 4.50 24.78 5.66
CA PRO D 173 5.92 24.98 5.40
C PRO D 173 6.18 26.23 4.56
N LEU D 174 5.22 26.57 3.71
CA LEU D 174 5.36 27.72 2.81
C LEU D 174 5.02 29.03 3.51
N GLN D 175 3.81 29.13 4.05
CA GLN D 175 3.39 30.35 4.72
C GLN D 175 4.19 30.63 5.98
N HIS D 176 4.35 29.62 6.84
CA HIS D 176 5.00 29.82 8.11
C HIS D 176 6.51 29.58 8.06
N GLY D 177 6.90 28.38 7.65
CA GLY D 177 8.30 28.02 7.70
C GLY D 177 9.18 28.84 6.77
N THR D 178 8.58 29.42 5.72
CA THR D 178 9.35 30.19 4.74
C THR D 178 9.00 31.67 4.80
N LEU D 179 7.77 32.02 4.46
CA LEU D 179 7.44 33.44 4.30
C LEU D 179 7.42 34.18 5.64
N HIS D 180 6.69 33.68 6.62
CA HIS D 180 6.68 34.30 7.95
C HIS D 180 8.08 34.30 8.55
N PHE D 181 8.83 33.22 8.38
CA PHE D 181 10.16 33.16 8.91
C PHE D 181 11.01 34.34 8.41
N CYS D 182 10.78 34.76 7.18
CA CYS D 182 11.54 35.88 6.61
C CYS D 182 10.92 37.23 6.92
N GLY D 183 9.84 37.25 7.69
CA GLY D 183 9.26 38.50 8.13
C GLY D 183 8.05 38.93 7.33
N PHE D 184 7.68 38.20 6.29
CA PHE D 184 6.47 38.55 5.53
C PHE D 184 5.24 38.43 6.41
N LYS D 185 4.27 39.29 6.15
CA LYS D 185 2.91 39.02 6.55
C LYS D 185 2.26 38.37 5.37
N VAL D 186 1.31 37.48 5.65
CA VAL D 186 0.77 36.56 4.66
C VAL D 186 -0.71 36.84 4.44
N LEU D 187 -1.11 37.18 3.23
CA LEU D 187 -2.52 37.27 2.86
C LEU D 187 -3.07 35.88 2.63
N ALA D 188 -4.37 35.72 2.90
CA ALA D 188 -4.98 34.42 2.80
C ALA D 188 -4.73 33.83 1.41
N PRO D 189 -4.51 32.51 1.35
CA PRO D 189 -4.20 31.88 0.06
C PRO D 189 -5.33 31.96 -0.95
N GLN D 190 -4.98 31.93 -2.22
CA GLN D 190 -5.95 31.73 -3.27
C GLN D 190 -5.75 30.32 -3.78
N ILE D 191 -6.66 29.41 -3.48
CA ILE D 191 -6.52 28.03 -3.92
C ILE D 191 -7.60 27.75 -4.95
N SER D 192 -7.16 27.42 -6.14
CA SER D 192 -8.03 27.05 -7.24
C SER D 192 -8.00 25.53 -7.35
N PHE D 193 -9.04 24.89 -6.80
CA PHE D 193 -9.05 23.43 -6.67
C PHE D 193 -9.42 22.77 -7.98
N ALA D 194 -8.63 21.78 -8.38
CA ALA D 194 -9.01 20.84 -9.43
C ALA D 194 -9.55 21.44 -10.74
N PRO D 195 -8.84 22.42 -11.31
CA PRO D 195 -9.31 22.94 -12.61
C PRO D 195 -9.32 21.87 -13.70
N GLU D 196 -8.47 20.87 -13.60
CA GLU D 196 -8.35 19.86 -14.66
C GLU D 196 -9.59 18.98 -14.81
N ILE D 197 -10.42 18.90 -13.78
CA ILE D 197 -11.67 18.15 -13.89
C ILE D 197 -12.90 19.06 -13.79
N ALA D 198 -12.68 20.34 -13.52
CA ALA D 198 -13.78 21.31 -13.49
C ALA D 198 -14.36 21.52 -14.89
N SER D 199 -15.64 21.88 -14.95
CA SER D 199 -16.27 22.25 -16.22
C SER D 199 -15.77 23.62 -16.70
N GLU D 200 -16.08 23.93 -17.96
CA GLU D 200 -15.78 25.25 -18.51
C GLU D 200 -16.26 26.35 -17.58
N GLU D 201 -17.53 26.27 -17.18
CA GLU D 201 -18.14 27.29 -16.34
C GLU D 201 -17.37 27.44 -15.03
N GLU D 202 -17.00 26.33 -14.42
CA GLU D 202 -16.30 26.36 -13.14
C GLU D 202 -14.90 26.96 -13.28
N ARG D 203 -14.21 26.61 -14.36
CA ARG D 203 -12.86 27.11 -14.58
C ARG D 203 -12.88 28.62 -14.79
N LYS D 204 -13.80 29.08 -15.63
CA LYS D 204 -13.93 30.52 -15.87
C LYS D 204 -14.29 31.22 -14.57
N GLY D 205 -15.13 30.58 -13.77
CA GLY D 205 -15.52 31.11 -12.47
C GLY D 205 -14.36 31.26 -11.49
N MET D 206 -13.44 30.30 -11.50
CA MET D 206 -12.27 30.38 -10.62
C MET D 206 -11.33 31.50 -11.07
N VAL D 207 -11.20 31.69 -12.38
CA VAL D 207 -10.37 32.78 -12.89
C VAL D 207 -10.99 34.12 -12.55
N ALA D 208 -12.30 34.23 -12.74
CA ALA D 208 -13.03 35.44 -12.44
C ALA D 208 -12.96 35.76 -10.94
N ALA D 209 -12.99 34.74 -10.10
CA ALA D 209 -12.94 34.95 -8.65
C ALA D 209 -11.60 35.56 -8.20
N TRP D 210 -10.52 35.12 -8.83
CA TRP D 210 -9.19 35.67 -8.56
C TRP D 210 -9.12 37.11 -9.05
N SER D 211 -9.65 37.35 -10.25
CA SER D 211 -9.67 38.70 -10.81
C SER D 211 -10.42 39.67 -9.90
N GLN D 212 -11.59 39.23 -9.46
CA GLN D 212 -12.44 40.04 -8.58
C GLN D 212 -11.75 40.31 -7.25
N ARG D 213 -11.15 39.28 -6.66
CA ARG D 213 -10.43 39.45 -5.40
C ARG D 213 -9.35 40.50 -5.56
N LEU D 214 -8.63 40.44 -6.68
CA LEU D 214 -7.51 41.34 -6.87
C LEU D 214 -7.97 42.79 -6.90
N GLN D 215 -9.22 43.04 -7.28
CA GLN D 215 -9.71 44.42 -7.37
C GLN D 215 -9.58 45.14 -6.03
N THR D 216 -9.68 44.40 -4.93
CA THR D 216 -9.58 45.00 -3.61
C THR D 216 -8.43 44.42 -2.80
N ILE D 217 -7.40 43.93 -3.45
CA ILE D 217 -6.30 43.28 -2.75
C ILE D 217 -5.63 44.21 -1.73
N TRP D 218 -5.52 45.50 -2.05
CA TRP D 218 -4.79 46.41 -1.17
C TRP D 218 -5.58 46.80 0.08
N LYS D 219 -6.83 46.40 0.14
CA LYS D 219 -7.64 46.60 1.35
C LYS D 219 -7.59 45.37 2.25
N GLU D 220 -6.99 44.28 1.79
CA GLU D 220 -6.91 43.07 2.62
C GLU D 220 -5.93 43.21 3.76
N GLU D 221 -6.14 42.40 4.80
CA GLU D 221 -5.23 42.33 5.92
C GLU D 221 -4.78 40.90 6.13
N PRO D 222 -3.54 40.73 6.61
CA PRO D 222 -2.96 39.39 6.66
C PRO D 222 -3.54 38.50 7.75
N ILE D 223 -3.35 37.19 7.56
CA ILE D 223 -3.75 36.21 8.56
C ILE D 223 -2.83 36.25 9.77
N PRO D 224 -3.26 35.61 10.88
CA PRO D 224 -2.34 35.30 11.95
C PRO D 224 -1.66 34.00 11.54
N CYS D 225 -0.40 34.10 11.12
CA CYS D 225 0.31 32.94 10.58
C CYS D 225 0.90 32.12 11.73
N THR D 226 0.00 31.38 12.39
CA THR D 226 0.33 30.63 13.60
C THR D 226 -0.07 29.17 13.45
N ALA D 227 0.43 28.33 14.35
CA ALA D 227 0.03 26.95 14.38
C ALA D 227 -1.48 26.84 14.59
N HIS D 228 -2.04 27.68 15.45
CA HIS D 228 -3.47 27.65 15.67
C HIS D 228 -4.25 27.85 14.38
N TRP D 229 -3.86 28.83 13.58
CA TRP D 229 -4.54 29.07 12.32
C TRP D 229 -4.47 27.83 11.42
N HIS D 230 -3.28 27.25 11.30
CA HIS D 230 -3.09 26.17 10.35
C HIS D 230 -3.69 24.85 10.81
N PHE D 231 -3.67 24.58 12.12
CA PHE D 231 -3.97 23.23 12.64
C PHE D 231 -5.06 23.20 13.70
N GLY D 232 -5.35 24.33 14.31
CA GLY D 232 -6.42 24.39 15.29
C GLY D 232 -6.09 23.83 16.64
N GLN D 233 -7.07 23.11 17.21
CA GLN D 233 -7.09 22.78 18.63
C GLN D 233 -5.71 22.65 19.25
ZN ZN E . -3.84 -13.58 -12.60
PA FAD F . -12.13 -7.21 15.64
O1A FAD F . -13.64 -7.20 15.33
O2A FAD F . -11.72 -8.01 16.88
O5B FAD F . -11.66 -5.73 15.71
C5B FAD F . -10.87 -5.18 16.71
C4B FAD F . -11.55 -4.06 17.42
O4B FAD F . -12.00 -3.08 16.47
C3B FAD F . -12.76 -4.49 18.17
O3B FAD F . -12.59 -4.17 19.50
C2B FAD F . -13.83 -3.69 17.64
O2B FAD F . -14.74 -3.31 18.66
C1B FAD F . -13.11 -2.52 17.04
N9A FAD F . -13.82 -1.72 16.04
C8A FAD F . -14.88 -2.07 15.29
N7A FAD F . -15.20 -1.06 14.49
C5A FAD F . -14.31 -0.05 14.71
C6A FAD F . -14.15 1.24 14.20
N6A FAD F . -15.00 1.76 13.21
N1A FAD F . -13.17 2.03 14.64
C2A FAD F . -12.34 1.55 15.57
N3A FAD F . -12.44 0.33 16.10
C4A FAD F . -13.45 -0.48 15.69
N1 FAD F . -4.37 -13.73 10.96
C2 FAD F . -3.31 -13.74 10.04
O2 FAD F . -2.59 -12.76 9.88
N3 FAD F . -3.05 -14.90 9.31
C4 FAD F . -3.80 -16.06 9.43
O4 FAD F . -3.52 -17.01 8.70
C4X FAD F . -4.87 -16.07 10.41
N5 FAD F . -5.59 -17.22 10.60
C5X FAD F . -6.65 -17.16 11.47
C6 FAD F . -7.46 -18.29 11.61
C7 FAD F . -8.58 -18.27 12.44
C7M FAD F . -9.46 -19.51 12.58
C8 FAD F . -8.88 -17.11 13.11
C8M FAD F . -10.08 -17.05 13.99
C9 FAD F . -8.08 -15.98 12.97
C9A FAD F . -6.96 -16.00 12.14
N10 FAD F . -6.13 -14.86 11.96
C10 FAD F . -5.14 -14.90 11.13
C1' FAD F . -6.51 -13.56 12.63
C2' FAD F . -7.64 -12.82 11.98
O2' FAD F . -7.33 -12.48 10.64
C3' FAD F . -7.99 -11.58 12.77
O3' FAD F . -8.40 -12.00 14.04
C4' FAD F . -9.01 -10.68 12.09
O4' FAD F . -8.55 -10.17 10.88
C5' FAD F . -9.39 -9.48 12.93
O5' FAD F . -10.45 -8.73 12.35
P FAD F . -11.82 -8.57 13.11
O1P FAD F . -12.33 -9.92 13.60
O2P FAD F . -12.75 -7.78 12.23
O3P FAD F . -11.36 -7.73 14.35
H51A FAD F . -10.02 -4.84 16.31
H52A FAD F . -10.64 -5.87 17.37
H4B FAD F . -10.94 -3.64 18.04
H3B FAD F . -12.94 -5.44 18.06
HO3A FAD F . -12.62 -4.92 19.99
H2B FAD F . -14.27 -4.18 16.94
HO2A FAD F . -14.41 -3.59 19.45
H1B FAD F . -12.87 -1.95 17.78
H8A FAD F . -15.35 -2.92 15.34
H61A FAD F . -15.73 1.28 12.94
H62A FAD F . -14.83 2.57 12.84
H2A FAD F . -11.62 2.14 15.87
HN3 FAD F . -2.38 -14.77 8.75
H6 FAD F . -7.24 -19.10 11.11
HM71 FAD F . -9.45 -19.80 13.50
HM72 FAD F . -9.12 -20.21 12.01
HM73 FAD F . -10.38 -19.29 12.32
HM81 FAD F . -10.25 -16.12 14.26
HM82 FAD F . -9.93 -17.58 14.80
HM83 FAD F . -10.87 -17.40 13.51
H9 FAD F . -8.31 -15.19 13.44
H1'1 FAD F . -5.73 -12.99 12.66
H1'2 FAD F . -6.77 -13.77 13.54
H2' FAD F . -8.43 -13.37 11.98
HO2' FAD F . -7.38 -13.22 10.13
H3' FAD F . -7.19 -11.04 12.86
HO3' FAD F . -8.21 -11.37 14.65
H4' FAD F . -9.80 -11.20 11.88
HO4' FAD F . -8.02 -10.77 10.50
H5'1 FAD F . -8.62 -8.91 13.02
H5'2 FAD F . -9.67 -9.79 13.81
CL CLQ G . 0.47 -15.48 10.58
N1 CLQ G . -3.53 -16.49 13.53
C1 CLQ G . -4.41 -16.27 14.49
C2 CLQ G . -4.28 -15.16 15.28
C3 CLQ G . -3.24 -14.25 15.05
C4 CLQ G . -2.30 -14.49 14.00
C5 CLQ G . -1.20 -13.65 13.70
C6 CLQ G . -0.34 -13.96 12.65
C7 CLQ G . -0.57 -15.09 11.89
C8 CLQ G . -1.63 -15.94 12.19
C9 CLQ G . -2.50 -15.67 13.24
N2 CLQ G . -3.09 -13.09 15.91
C10 CLQ G . -4.13 -12.67 16.86
C11 CLQ G . -3.48 -11.95 18.04
C12 CLQ G . -4.49 -11.12 18.87
C13 CLQ G . -4.71 -11.77 20.24
N3 CLQ G . -5.07 -10.73 21.24
C14 CLQ G . -5.48 -11.33 22.52
C15 CLQ G . -6.73 -10.68 23.04
C16 CLQ G . -3.93 -9.82 21.43
C17 CLQ G . -4.23 -8.49 20.83
C18 CLQ G . -5.13 -11.80 16.19
H11 CLQ G . -5.14 -16.91 14.64
H21 CLQ G . -4.91 -15.02 16.00
H51 CLQ G . -1.05 -12.85 14.21
H61 CLQ G . 0.40 -13.37 12.43
H81 CLQ G . -1.77 -16.73 11.65
HN21 CLQ G . -2.32 -12.61 15.86
H101 CLQ G . -4.59 -13.44 17.21
H111 CLQ G . -3.09 -12.63 18.63
H112 CLQ G . -2.78 -11.36 17.72
H121 CLQ G . -4.13 -10.24 19.00
H122 CLQ G . -5.33 -11.05 18.40
H131 CLQ G . -3.89 -12.23 20.51
H132 CLQ G . -5.43 -12.42 20.17
H141 CLQ G . -4.78 -11.23 23.18
H142 CLQ G . -5.66 -12.28 22.40
H151 CLQ G . -7.24 -11.32 23.56
H152 CLQ G . -6.49 -9.92 23.58
H153 CLQ G . -7.27 -10.39 22.28
H161 CLQ G . -3.72 -9.73 22.37
H162 CLQ G . -3.16 -10.19 20.97
H171 CLQ G . -4.62 -7.91 21.52
H172 CLQ G . -4.88 -8.60 20.11
H173 CLQ G . -3.42 -8.09 20.48
H181 CLQ G . -4.86 -10.86 16.25
H182 CLQ G . -6.00 -11.92 16.60
H183 CLQ G . -5.19 -12.06 15.25
ZN ZN H . 7.00 -22.82 5.92
PA FAD I . -12.62 -38.52 -10.45
O1A FAD I . -13.33 -39.29 -9.34
O2A FAD I . -13.50 -37.92 -11.56
O5B FAD I . -11.60 -39.53 -11.07
C5B FAD I . -11.27 -39.61 -12.43
C4B FAD I . -11.38 -41.00 -12.94
O4B FAD I . -10.54 -41.87 -12.14
C3B FAD I . -12.78 -41.53 -12.82
O3B FAD I . -13.13 -42.14 -14.00
C2B FAD I . -12.70 -42.49 -11.76
O2B FAD I . -13.66 -43.50 -11.88
C1B FAD I . -11.30 -43.01 -11.93
N9A FAD I . -10.80 -43.80 -10.81
C8A FAD I . -11.17 -43.78 -9.52
N7A FAD I . -10.44 -44.67 -8.85
C5A FAD I . -9.57 -45.27 -9.71
C6A FAD I . -8.58 -46.24 -9.59
N6A FAD I . -8.26 -46.88 -8.36
N1A FAD I . -7.89 -46.59 -10.68
C2A FAD I . -8.15 -46.03 -11.86
N3A FAD I . -9.09 -45.09 -12.02
C4A FAD I . -9.81 -44.69 -10.95
N1 FAD I . -8.93 -28.06 -10.64
C2 FAD I . -7.73 -27.30 -10.71
O2 FAD I . -6.74 -27.73 -11.29
N3 FAD I . -7.68 -26.04 -10.09
C4 FAD I . -8.78 -25.50 -9.42
O4 FAD I . -8.65 -24.38 -8.89
C4X FAD I . -10.01 -26.27 -9.41
N5 FAD I . -11.12 -25.75 -8.78
C5X FAD I . -12.22 -26.57 -8.66
C6 FAD I . -13.32 -26.07 -7.97
C7 FAD I . -14.44 -26.85 -7.80
C7M FAD I . -15.63 -26.34 -7.01
C8 FAD I . -14.48 -28.11 -8.36
C8M FAD I . -15.69 -28.98 -8.21
C9 FAD I . -13.38 -28.57 -9.05
C9A FAD I . -12.23 -27.81 -9.23
N10 FAD I . -11.13 -28.26 -9.92
C10 FAD I . -10.07 -27.54 -9.99
C1' FAD I . -11.12 -29.66 -10.44
C2' FAD I . -10.84 -30.74 -9.41
O2' FAD I . -9.60 -30.50 -8.73
C3' FAD I . -10.84 -32.12 -10.03
O3' FAD I . -12.08 -32.29 -10.63
C4' FAD I . -10.51 -33.20 -9.02
O4' FAD I . -9.23 -33.11 -8.57
C5' FAD I . -10.71 -34.59 -9.63
O5' FAD I . -10.52 -35.61 -8.65
P FAD I . -11.69 -36.64 -8.43
O1P FAD I . -13.04 -35.93 -8.27
O2P FAD I . -11.26 -37.58 -7.33
O3P FAD I . -11.69 -37.37 -9.84
H51A FAD I . -10.33 -39.28 -12.56
H52A FAD I . -11.88 -39.03 -12.94
H4B FAD I . -11.11 -41.06 -13.85
H3B FAD I . -13.42 -40.82 -12.61
HO3A FAD I . -14.02 -42.16 -14.07
H2B FAD I . -12.77 -42.03 -10.93
HO2A FAD I . -13.65 -43.82 -12.73
H1B FAD I . -11.32 -43.56 -12.73
H8A FAD I . -11.88 -43.22 -9.15
H61A FAD I . -8.76 -46.71 -7.63
H62A FAD I . -7.56 -47.44 -8.32
H2A FAD I . -7.62 -46.31 -12.64
HN3 FAD I . -6.90 -25.66 -10.19
H6 FAD I . -13.28 -25.19 -7.56
HM71 FAD I . -16.42 -26.28 -7.59
HM72 FAD I . -15.43 -25.45 -6.66
HM73 FAD I . -15.83 -26.95 -6.26
HM81 FAD I . -15.47 -29.89 -8.52
HM82 FAD I . -16.41 -28.64 -8.76
HM83 FAD I . -15.96 -29.02 -7.26
H9 FAD I . -13.43 -29.44 -9.44
H1'1 FAD I . -10.46 -29.73 -11.16
H1'2 FAD I . -12.00 -29.85 -10.83
H2' FAD I . -11.54 -30.74 -8.74
HO2' FAD I . -9.69 -29.78 -8.19
H3' FAD I . -10.15 -32.16 -10.69
HO3' FAD I . -11.96 -32.47 -11.49
H4' FAD I . -11.09 -33.11 -8.26
HO4' FAD I . -9.05 -32.28 -8.37
H5'1 FAD I . -10.05 -34.71 -10.34
H5'2 FAD I . -11.59 -34.66 -10.01
CL CLQ J . -6.84 -24.47 -13.53
N1 CLQ J . -11.62 -25.71 -12.43
C1 CLQ J . -12.70 -26.47 -12.49
C2 CLQ J . -12.77 -27.58 -13.30
C3 CLQ J . -11.66 -27.95 -14.06
C4 CLQ J . -10.47 -27.14 -13.95
C5 CLQ J . -9.30 -27.42 -14.68
C6 CLQ J . -8.20 -26.59 -14.54
C7 CLQ J . -8.23 -25.49 -13.70
C8 CLQ J . -9.38 -25.19 -12.98
C9 CLQ J . -10.51 -26.00 -13.10
N2 CLQ J . -11.72 -29.13 -14.92
C10 CLQ J . -12.97 -29.89 -15.03
C11 CLQ J . -13.02 -30.80 -16.26
C12 CLQ J . -14.42 -30.72 -16.89
C13 CLQ J . -14.40 -31.36 -18.28
N3 CLQ J . -14.34 -30.27 -19.28
C14 CLQ J . -13.24 -30.45 -20.24
C15 CLQ J . -13.51 -29.83 -21.59
C16 CLQ J . -15.63 -29.73 -19.81
C17 CLQ J . -16.86 -30.30 -19.17
C18 CLQ J . -13.17 -30.66 -13.78
H11 CLQ J . -13.49 -26.21 -11.98
H21 CLQ J . -13.59 -28.10 -13.34
H51 CLQ J . -9.26 -28.18 -15.27
H61 CLQ J . -7.38 -26.78 -15.03
H81 CLQ J . -9.40 -24.42 -12.39
HN21 CLQ J . -10.99 -29.38 -15.41
H101 CLQ J . -13.71 -29.27 -15.11
H111 CLQ J . -12.35 -30.49 -16.91
H112 CLQ J . -12.82 -31.72 -16.00
H121 CLQ J . -15.06 -31.17 -16.32
H122 CLQ J . -14.66 -29.79 -16.98
H131 CLQ J . -15.21 -31.89 -18.39
H132 CLQ J . -13.61 -31.93 -18.35
H141 CLQ J . -13.06 -31.40 -20.36
H142 CLQ J . -12.45 -30.03 -19.89
H151 CLQ J . -12.66 -29.56 -22.00
H152 CLQ J . -13.96 -30.48 -22.16
H153 CLQ J . -14.07 -29.04 -21.48
H161 CLQ J . -15.65 -28.78 -19.69
H162 CLQ J . -15.68 -29.92 -20.75
H171 CLQ J . -17.58 -30.35 -19.83
H172 CLQ J . -17.14 -29.74 -18.43
H173 CLQ J . -16.67 -31.20 -18.84
H181 CLQ J . -13.33 -31.61 -14.00
H182 CLQ J . -13.96 -30.32 -13.31
H183 CLQ J . -12.40 -30.58 -13.21
ZN ZN K . -0.20 9.05 5.24
PA FAD L . 26.93 20.37 9.56
O1A FAD L . 27.69 19.72 8.39
O2A FAD L . 27.13 21.87 9.71
O5B FAD L . 27.33 19.61 10.83
C5B FAD L . 27.30 20.19 12.10
C4B FAD L . 28.49 19.82 12.89
O4B FAD L . 28.56 18.38 13.02
C3B FAD L . 29.78 20.20 12.23
O3B FAD L . 30.64 20.73 13.15
C2B FAD L . 30.30 18.96 11.70
O2B FAD L . 31.69 19.01 11.51
C1B FAD L . 29.87 18.00 12.78
N9A FAD L . 29.95 16.57 12.42
C8A FAD L . 29.94 16.00 11.21
N7A FAD L . 30.03 14.68 11.36
C5A FAD L . 30.10 14.40 12.68
C6A FAD L . 30.20 13.23 13.42
N6A FAD L . 30.26 11.95 12.79
N1A FAD L . 30.23 13.29 14.75
C2A FAD L . 30.18 14.49 15.37
N3A FAD L . 30.08 15.64 14.69
C4A FAD L . 30.04 15.60 13.35
N1 FAD L . 16.77 24.52 9.54
C2 FAD L . 15.47 24.36 10.09
O2 FAD L . 15.35 23.85 11.22
N3 FAD L . 14.32 24.75 9.36
C4 FAD L . 14.41 25.32 8.09
O4 FAD L . 13.38 25.61 7.50
C4X FAD L . 15.74 25.51 7.51
N5 FAD L . 15.85 26.09 6.28
C5X FAD L . 17.10 26.17 5.74
C6 FAD L . 17.26 26.68 4.45
C7 FAD L . 18.52 26.75 3.85
C7M FAD L . 18.66 27.30 2.43
C8 FAD L . 19.64 26.29 4.54
C8M FAD L . 21.00 26.38 3.89
C9 FAD L . 19.48 25.79 5.81
C9A FAD L . 18.21 25.72 6.42
N10 FAD L . 18.07 25.22 7.74
C10 FAD L . 16.88 25.10 8.24
C1' FAD L . 19.27 24.67 8.49
C2' FAD L . 19.67 23.28 8.08
O2' FAD L . 18.61 22.35 8.23
C3' FAD L . 20.87 22.81 8.86
O3' FAD L . 21.88 23.75 8.58
C4' FAD L . 21.29 21.40 8.51
O4' FAD L . 20.32 20.48 8.83
C5' FAD L . 22.60 20.99 9.20
O5' FAD L . 23.06 19.74 8.71
P FAD L . 24.53 19.67 8.13
O1P FAD L . 24.74 20.74 7.04
O2P FAD L . 24.80 18.25 7.70
O3P FAD L . 25.36 20.00 9.41
H51A FAD L . 26.47 19.89 12.58
H52A FAD L . 27.27 21.17 12.01
H4B FAD L . 28.46 20.22 13.78
H3B FAD L . 29.63 20.84 11.50
HO3A FAD L . 31.48 20.51 12.93
H2B FAD L . 29.84 18.76 10.90
HO2A FAD L . 31.88 18.98 10.63
H1B FAD L . 30.44 18.16 13.54
H8A FAD L . 29.89 16.47 10.36
H61A FAD L . 30.32 11.89 11.89
H62A FAD L . 30.25 11.20 13.29
H2A FAD L . 30.21 14.51 16.35
HN3 FAD L . 13.58 24.59 9.80
H6 FAD L . 16.47 26.98 3.95
HM71 FAD L . 19.22 28.10 2.45
HM72 FAD L . 17.78 27.54 2.09
HM73 FAD L . 19.07 26.63 1.86
HM81 FAD L . 21.65 25.87 4.42
HM82 FAD L . 21.27 27.32 3.84
HM83 FAD L . 20.95 25.99 2.98
H9 FAD L . 20.24 25.50 6.29
H1'1 FAD L . 19.06 24.68 9.44
H1'2 FAD L . 20.02 25.27 8.33
H2' FAD L . 19.93 23.28 7.15
HO2' FAD L . 17.98 22.51 7.59
H3' FAD L . 20.66 22.81 9.80
HO3' FAD L . 22.05 24.22 9.32
H4' FAD L . 21.41 21.34 7.55
HO4' FAD L . 19.56 20.72 8.45
H5'1 FAD L . 22.44 20.93 10.14
H5'2 FAD L . 23.27 21.67 9.01
CL CLQ M . 15.44 27.45 13.07
N1 CLQ M . 17.37 28.54 8.53
C1 CLQ M . 18.37 28.72 7.66
C2 CLQ M . 19.69 28.51 8.01
C3 CLQ M . 20.00 28.11 9.30
C4 CLQ M . 18.93 27.95 10.23
C5 CLQ M . 19.15 27.56 11.57
C6 CLQ M . 18.06 27.42 12.42
C7 CLQ M . 16.78 27.64 11.98
C8 CLQ M . 16.53 28.01 10.66
C9 CLQ M . 17.60 28.18 9.78
N2 CLQ M . 21.38 27.90 9.71
C10 CLQ M . 22.53 28.10 8.82
C11 CLQ M . 23.79 28.20 9.66
C12 CLQ M . 23.60 29.28 10.73
C13 CLQ M . 24.87 29.46 11.55
N3 CLQ M . 24.67 30.65 12.42
C14 CLQ M . 25.71 31.66 12.31
C15 CLQ M . 25.13 32.90 11.67
C16 CLQ M . 24.32 30.27 13.80
C17 CLQ M . 24.00 31.48 14.63
C18 CLQ M . 22.64 26.99 7.83
H11 CLQ M . 18.16 28.97 6.74
H21 CLQ M . 20.38 28.63 7.35
H51 CLQ M . 20.04 27.41 11.90
H61 CLQ M . 18.22 27.15 13.34
H81 CLQ M . 15.62 28.17 10.37
HN21 CLQ M . 21.55 27.63 10.57
H101 CLQ M . 22.43 28.93 8.33
H111 CLQ M . 23.96 27.33 10.09
H112 CLQ M . 24.55 28.44 9.08
H121 CLQ M . 23.36 30.11 10.30
H122 CLQ M . 22.87 29.02 11.33
H131 CLQ M . 25.63 29.62 10.94
H132 CLQ M . 25.05 28.67 12.07
H141 CLQ M . 26.45 31.33 11.76
H142 CLQ M . 26.06 31.90 13.17
H151 CLQ M . 24.20 32.97 11.93
H152 CLQ M . 25.62 33.67 11.99
H153 CLQ M . 25.21 32.83 10.71
H161 CLQ M . 23.53 29.70 13.81
H162 CLQ M . 25.05 29.79 14.21
H171 CLQ M . 24.28 31.32 15.55
H172 CLQ M . 23.05 31.66 14.59
H173 CLQ M . 24.50 32.25 14.27
H181 CLQ M . 23.27 27.25 7.11
H182 CLQ M . 21.76 26.81 7.45
H183 CLQ M . 22.97 26.20 8.27
ZN ZN N . 3.54 31.91 10.69
PA FAD O . -4.23 22.97 -16.76
O1A FAD O . -3.27 23.86 -17.59
O2A FAD O . -4.23 21.47 -17.16
O5B FAD O . -5.65 23.59 -16.87
C5B FAD O . -6.82 22.84 -16.82
C4B FAD O . -7.78 23.27 -17.87
O4B FAD O . -8.05 24.68 -17.70
C3B FAD O . -7.24 23.11 -19.24
O3B FAD O . -8.22 22.63 -20.07
C2B FAD O . -6.91 24.44 -19.66
O2B FAD O . -6.92 24.57 -21.05
C1B FAD O . -7.99 25.23 -18.97
N9A FAD O . -7.79 26.69 -18.91
C8A FAD O . -6.65 27.42 -18.98
N7A FAD O . -6.96 28.72 -18.88
C5A FAD O . -8.30 28.81 -18.76
C6A FAD O . -9.19 29.88 -18.64
N6A FAD O . -8.69 31.21 -18.62
N1A FAD O . -10.51 29.66 -18.53
C2A FAD O . -10.99 28.41 -18.56
N3A FAD O . -10.17 27.36 -18.67
C4A FAD O . -8.84 27.52 -18.79
N1 FAD O . -2.10 17.82 -7.21
C2 FAD O . -2.44 17.78 -5.84
O2 FAD O . -3.61 18.10 -5.48
N3 FAD O . -1.52 17.37 -4.88
C4 FAD O . -0.24 16.98 -5.20
O4 FAD O . 0.54 16.67 -4.31
C4X FAD O . 0.13 17.00 -6.62
N5 FAD O . 1.36 16.58 -6.99
C5X FAD O . 1.72 16.68 -8.33
C6 FAD O . 3.00 16.32 -8.76
C7 FAD O . 3.37 16.43 -10.08
C7M FAD O . 4.78 16.05 -10.50
C8 FAD O . 2.49 16.92 -11.02
C8M FAD O . 2.89 17.03 -12.46
C9 FAD O . 1.22 17.26 -10.60
C9A FAD O . 0.83 17.14 -9.26
N10 FAD O . -0.47 17.48 -8.85
C10 FAD O . -0.79 17.42 -7.59
C1' FAD O . -1.44 18.04 -9.83
C2' FAD O . -1.29 19.52 -10.15
O2' FAD O . -1.36 20.32 -8.99
C3' FAD O . -2.32 19.97 -11.16
O3' FAD O . -2.15 19.21 -12.31
C4' FAD O . -2.21 21.45 -11.46
O4' FAD O . -2.48 22.23 -10.39
C5' FAD O . -3.16 21.90 -12.55
O5' FAD O . -2.90 23.25 -12.96
P FAD O . -2.55 23.55 -14.48
O1P FAD O . -1.39 22.69 -14.95
O2P FAD O . -2.29 25.05 -14.64
O3P FAD O . -3.88 23.11 -15.20
H51A FAD O . -7.24 22.94 -15.92
H52A FAD O . -6.59 21.89 -16.95
H4B FAD O . -8.60 22.78 -17.79
H3B FAD O . -6.45 22.52 -19.28
HO3A FAD O . -7.85 22.10 -20.70
H2B FAD O . -6.05 24.68 -19.29
HO2A FAD O . -7.65 24.13 -21.38
H1B FAD O . -8.80 25.06 -19.47
H8A FAD O . -5.76 27.05 -19.07
H61A FAD O . -7.81 31.36 -18.77
H62A FAD O . -9.25 31.90 -18.45
H2A FAD O . -11.96 28.27 -18.47
HN3 FAD O . -1.86 17.40 -4.07
H6 FAD O . 3.65 16.00 -8.09
HM71 FAD O . 4.75 15.32 -11.14
HM72 FAD O . 5.28 15.78 -9.71
HM73 FAD O . 5.22 16.83 -10.91
HM81 FAD O . 2.19 17.53 -12.94
HM82 FAD O . 2.96 16.14 -12.85
HM83 FAD O . 3.75 17.51 -12.53
H9 FAD O . 0.60 17.56 -11.25
H1'1 FAD O . -2.35 17.89 -9.51
H1'2 FAD O . -1.35 17.55 -10.67
H2' FAD O . -0.42 19.67 -10.56
HO2' FAD O . -0.53 20.42 -8.62
H3' FAD O . -3.21 19.83 -10.79
HO3' FAD O . -2.80 18.61 -12.37
H4' FAD O . -1.31 21.65 -11.73
HO4' FAD O . -2.53 21.72 -9.67
H5'1 FAD O . -4.07 21.85 -12.22
H5'2 FAD O . -3.07 21.31 -13.32
CL CLQ P . -4.93 14.40 -5.55
N1 CLQ P . -0.81 14.08 -8.42
C1 CLQ P . -0.14 14.10 -9.58
C2 CLQ P . -0.80 14.34 -10.77
C3 CLQ P . -2.16 14.59 -10.78
C4 CLQ P . -2.87 14.58 -9.54
C5 CLQ P . -4.25 14.77 -9.45
C6 CLQ P . -4.87 14.72 -8.21
C7 CLQ P . -4.13 14.48 -7.08
C8 CLQ P . -2.76 14.27 -7.14
C9 CLQ P . -2.11 14.31 -8.37
N2 CLQ P . -2.87 14.87 -12.01
C10 CLQ P . -2.25 14.84 -13.34
C11 CLQ P . -3.33 14.81 -14.42
C12 CLQ P . -4.26 13.59 -14.31
C13 CLQ P . -5.29 13.70 -15.45
N3 CLQ P . -6.22 12.54 -15.48
C14 CLQ P . -7.13 12.62 -16.63
C15 CLQ P . -6.37 12.70 -17.92
C16 CLQ P . -6.98 12.38 -14.23
C17 CLQ P . -7.94 13.50 -14.05
C18 CLQ P . -1.37 16.03 -13.54
H11 CLQ P . 0.82 13.95 -9.59
H21 CLQ P . -0.28 14.38 -11.60
H51 CLQ P . -4.77 14.96 -10.24
H61 CLQ P . -5.81 14.88 -8.14
H81 CLQ P . -2.27 14.07 -6.33
HN21 CLQ P . -3.76 15.06 -11.96
H101 CLQ P . -1.70 14.05 -13.43
H111 CLQ P . -3.87 15.64 -14.35
H112 CLQ P . -2.89 14.80 -15.30
H121 CLQ P . -3.75 12.79 -14.40
H122 CLQ P . -4.72 13.61 -13.46
H131 CLQ P . -4.81 13.75 -16.29
H132 CLQ P . -5.80 14.52 -15.33
H141 CLQ P . -7.69 13.41 -16.55
H142 CLQ P . -7.71 11.85 -16.65
H151 CLQ P . -5.53 12.21 -17.84
H152 CLQ P . -6.90 12.31 -18.64
H153 CLQ P . -6.19 13.64 -18.13
H161 CLQ P . -7.46 11.54 -14.23
H162 CLQ P . -6.36 12.37 -13.47
H171 CLQ P . -7.61 14.29 -14.50
H172 CLQ P . -8.04 13.70 -13.10
H173 CLQ P . -8.81 13.24 -14.42
H181 CLQ P . -1.03 16.04 -14.45
H182 CLQ P . -0.62 15.99 -12.92
H183 CLQ P . -1.88 16.84 -13.37
CL CLQ Q . 1.30 38.96 -18.22
N1 CLQ Q . -2.67 40.31 -21.02
C1 CLQ Q . -3.37 40.31 -22.16
C2 CLQ Q . -2.95 39.64 -23.29
C3 CLQ Q . -1.77 38.90 -23.26
C4 CLQ Q . -1.03 38.92 -22.05
C5 CLQ Q . 0.18 38.22 -21.94
C6 CLQ Q . 0.88 38.23 -20.75
C7 CLQ Q . 0.41 38.94 -19.67
C8 CLQ Q . -0.79 39.64 -19.74
C9 CLQ Q . -1.52 39.64 -20.93
N2 CLQ Q . -1.22 38.18 -24.41
C10 CLQ Q . -1.97 37.27 -25.28
C11 CLQ Q . -1.17 36.96 -26.53
C12 CLQ Q . -1.24 38.12 -27.54
C13 CLQ Q . 0.10 38.18 -28.28
N3 CLQ Q . -0.01 38.03 -29.75
C14 CLQ Q . 1.36 37.90 -30.27
C15 CLQ Q . 1.58 38.34 -31.70
C16 CLQ Q . -0.82 39.12 -30.34
C17 CLQ Q . -2.28 38.83 -30.28
C18 CLQ Q . -2.22 35.99 -24.55
H11 CLQ Q . -4.21 40.81 -22.19
H21 CLQ Q . -3.49 39.66 -24.09
H51 CLQ Q . 0.52 37.73 -22.69
H61 CLQ Q . 1.73 37.75 -20.68
H81 CLQ Q . -1.10 40.13 -18.96
HN21 CLQ Q . -0.34 38.29 -24.60
H101 CLQ Q . -2.82 37.65 -25.53
H111 CLQ Q . -0.23 36.82 -26.28
H112 CLQ Q . -1.51 36.15 -26.96
H121 CLQ Q . -1.95 37.95 -28.16
H122 CLQ Q . -1.40 38.96 -27.07
H131 CLQ Q . 0.67 37.49 -27.92
H132 CLQ Q . 0.51 39.04 -28.09
H141 CLQ Q . 1.63 36.96 -30.23
H142 CLQ Q . 1.97 38.40 -29.71
H151 CLQ Q . 2.51 38.66 -31.81
H152 CLQ Q . 1.42 37.60 -32.30
H153 CLQ Q . 0.97 39.08 -31.90
H161 CLQ Q . -0.66 39.94 -29.85
H162 CLQ Q . -0.57 39.25 -31.27
H171 CLQ Q . -2.72 39.22 -31.05
H172 CLQ Q . -2.65 39.21 -29.46
H173 CLQ Q . -2.43 37.87 -30.29
H181 CLQ Q . -2.84 36.16 -23.81
H182 CLQ Q . -1.38 35.65 -24.20
H183 CLQ Q . -2.60 35.35 -25.17
#